data_7C64
#
_entry.id   7C64
#
_cell.length_a   57.460
_cell.length_b   100.710
_cell.length_c   66.260
_cell.angle_alpha   90.000
_cell.angle_beta   104.190
_cell.angle_gamma   90.000
#
_symmetry.space_group_name_H-M   'P 1 21 1'
#
loop_
_entity.id
_entity.type
_entity.pdbx_description
1 polymer 'Sugar ABC transporter, periplasmic sugar-binding protein'
2 non-polymer 'CHLORIDE ION'
3 non-polymer 'CARBON DIOXIDE'
4 non-polymer 1,2-ETHANEDIOL
5 non-polymer DI(HYDROXYETHYL)ETHER
6 non-polymer 'TRIETHYLENE GLYCOL'
7 non-polymer 'TETRAETHYLENE GLYCOL'
8 non-polymer MESO-ERYTHRITOL
9 non-polymer 'PHOSPHATE ION'
10 non-polymer 3,6,9,12,15,18-HEXAOXAICOSANE-1,20-DIOL
11 water water
#
_entity_poly.entity_id   1
_entity_poly.type   'polypeptide(L)'
_entity_poly.pdbx_seq_one_letter_code
;MQKTLEVWIMPNSPQPAEDFKALVAPFEKAHGVEVKVTVLDWGVAWTKITTAATSGVGPDLTQLGTTWVGAISAMGVLEP
VDDVLEALGGEKAYLPAVWRTTRLEGARQATAVPWFSELRAFYYRTDALKAAGVNPAEMFASWQGFEAGLARLKASSFRD
PETKAPLAPLCTPGKNSWDVLHNAAPWIWGAGGEIVRQAGGRWQSALNSPESLEGLYFFLSLAQKGYVPAESLEKNTAQI
EADFQAGKCAVFASGPWMIQRAQVPEAKGGFAERTAAKNLGVAPYPAGPKGRYTFFGGSNLALFNFSKNKPLAKELLKYL
GGPEAQVRYAQMTGMLPALRSAWSDPSFQQNPLLRTFIQAAQFGRTYPSLAGWGGVENLAVQHLGMAWDLVAQGRLTREA
LKDLMDKASAAINQALRHHHHHH
;
_entity_poly.pdbx_strand_id   A,B
#
# COMPACT_ATOMS: atom_id res chain seq x y z
N LYS A 3 25.18 16.73 -12.14
CA LYS A 3 25.52 15.41 -12.62
C LYS A 3 24.48 14.34 -12.21
N THR A 4 23.93 14.28 -10.98
CA THR A 4 22.84 13.28 -10.65
C THR A 4 21.65 14.02 -10.07
N LEU A 5 20.46 13.56 -10.41
CA LEU A 5 19.20 14.01 -9.80
C LEU A 5 18.67 12.81 -9.09
N GLU A 6 18.03 13.02 -7.96
CA GLU A 6 17.34 11.96 -7.20
C GLU A 6 15.84 12.24 -7.33
N VAL A 7 15.09 11.23 -7.72
CA VAL A 7 13.63 11.38 -7.92
C VAL A 7 12.97 10.21 -7.17
N TRP A 8 11.94 10.51 -6.40
CA TRP A 8 11.12 9.48 -5.74
C TRP A 8 9.82 9.39 -6.53
N ILE A 9 9.42 8.16 -6.85
CA ILE A 9 8.14 7.86 -7.51
C ILE A 9 7.45 6.75 -6.74
N MET A 10 6.17 6.63 -7.00
CA MET A 10 5.34 5.48 -6.52
C MET A 10 5.24 4.45 -7.61
N PRO A 11 4.66 3.25 -7.30
CA PRO A 11 4.62 2.17 -8.28
C PRO A 11 3.54 2.32 -9.35
N ASN A 12 3.82 3.15 -10.33
CA ASN A 12 2.73 3.63 -11.21
C ASN A 12 2.53 2.70 -12.42
N SER A 13 3.46 1.88 -12.75
CA SER A 13 3.55 1.12 -13.99
C SER A 13 3.97 -0.31 -13.63
N PRO A 14 3.87 -1.22 -14.59
CA PRO A 14 4.12 -2.61 -14.19
C PRO A 14 5.56 -2.86 -13.71
N GLN A 15 6.56 -2.19 -14.26
CA GLN A 15 7.98 -2.32 -13.79
C GLN A 15 8.43 -0.92 -13.36
N PRO A 16 8.01 -0.45 -12.18
CA PRO A 16 8.13 0.99 -11.90
C PRO A 16 9.51 1.62 -12.19
N ALA A 17 10.59 1.06 -11.59
CA ALA A 17 11.92 1.64 -11.81
C ALA A 17 12.37 1.52 -13.25
N GLU A 18 12.27 0.33 -13.83
CA GLU A 18 12.75 0.11 -15.21
C GLU A 18 11.99 1.06 -16.16
N ASP A 19 10.65 1.12 -16.00
CA ASP A 19 9.83 1.97 -16.90
C ASP A 19 10.29 3.43 -16.78
N PHE A 20 10.42 3.95 -15.57
CA PHE A 20 10.81 5.34 -15.37
C PHE A 20 12.23 5.58 -15.96
N LYS A 21 13.15 4.66 -15.75
CA LYS A 21 14.50 4.81 -16.32
C LYS A 21 14.45 4.82 -17.86
N ALA A 22 13.60 4.01 -18.47
CA ALA A 22 13.40 4.05 -19.94
C ALA A 22 12.82 5.43 -20.35
N LEU A 23 11.85 5.94 -19.59
CA LEU A 23 11.23 7.23 -19.86
C LEU A 23 12.28 8.34 -19.90
N VAL A 24 13.23 8.37 -18.93
CA VAL A 24 14.13 9.53 -18.79
C VAL A 24 15.44 9.33 -19.53
N ALA A 25 15.66 8.17 -20.15
CA ALA A 25 16.98 7.91 -20.78
C ALA A 25 17.32 9.00 -21.80
N PRO A 26 16.36 9.52 -22.62
CA PRO A 26 16.72 10.55 -23.59
C PRO A 26 17.18 11.85 -22.94
N PHE A 27 16.55 12.19 -21.79
CA PHE A 27 16.92 13.39 -21.04
C PHE A 27 18.33 13.22 -20.48
N GLU A 28 18.61 12.04 -19.94
CA GLU A 28 19.93 11.79 -19.32
C GLU A 28 20.98 11.97 -20.41
N LYS A 29 20.70 11.43 -21.58
CA LYS A 29 21.71 11.50 -22.69
C LYS A 29 21.89 12.95 -23.12
N ALA A 30 20.79 13.68 -23.28
CA ALA A 30 20.75 15.07 -23.77
C ALA A 30 21.45 16.03 -22.82
N HIS A 31 21.37 15.75 -21.49
CA HIS A 31 21.89 16.71 -20.49
C HIS A 31 23.17 16.20 -19.84
N GLY A 32 23.59 14.99 -20.14
CA GLY A 32 24.78 14.35 -19.56
C GLY A 32 24.68 14.26 -18.05
N VAL A 33 23.54 13.77 -17.58
CA VAL A 33 23.26 13.62 -16.12
C VAL A 33 22.69 12.25 -15.89
N GLU A 34 22.73 11.77 -14.64
CA GLU A 34 22.12 10.46 -14.31
C GLU A 34 20.94 10.77 -13.43
N VAL A 35 19.78 10.23 -13.73
CA VAL A 35 18.62 10.32 -12.81
C VAL A 35 18.55 9.06 -11.96
N LYS A 36 18.59 9.19 -10.66
CA LYS A 36 18.50 8.05 -9.74
C LYS A 36 17.07 7.97 -9.23
N VAL A 37 16.35 6.92 -9.58
CA VAL A 37 14.94 6.77 -9.17
C VAL A 37 14.87 5.82 -7.97
N THR A 38 14.06 6.17 -7.00
CA THR A 38 13.69 5.27 -5.88
C THR A 38 12.17 5.13 -5.87
N VAL A 39 11.70 3.88 -5.82
CA VAL A 39 10.26 3.56 -5.87
C VAL A 39 9.75 3.37 -4.45
N LEU A 40 8.79 4.20 -4.07
CA LEU A 40 8.19 4.24 -2.71
C LEU A 40 6.86 3.54 -2.79
N ASP A 41 6.71 2.45 -2.02
CA ASP A 41 5.41 1.76 -1.80
CA ASP A 41 5.41 1.73 -2.01
C ASP A 41 4.40 2.79 -1.40
N TRP A 42 3.15 2.77 -1.90
CA TRP A 42 2.13 3.70 -1.40
C TRP A 42 1.92 3.42 0.12
N GLY A 43 2.29 2.23 0.62
CA GLY A 43 2.28 1.94 2.07
C GLY A 43 3.15 2.88 2.87
N VAL A 44 4.25 3.45 2.30
CA VAL A 44 5.27 4.28 3.03
C VAL A 44 5.54 5.64 2.39
N ALA A 45 4.99 5.91 1.21
CA ALA A 45 5.35 7.14 0.46
C ALA A 45 5.11 8.39 1.28
N TRP A 46 3.90 8.49 1.85
CA TRP A 46 3.56 9.74 2.54
C TRP A 46 4.49 10.06 3.70
N THR A 47 4.78 9.09 4.56
CA THR A 47 5.65 9.38 5.70
C THR A 47 7.09 9.58 5.25
N LYS A 48 7.53 9.00 4.13
CA LYS A 48 8.93 9.26 3.66
CA LYS A 48 8.94 9.26 3.70
C LYS A 48 8.99 10.70 3.17
N ILE A 49 7.94 11.10 2.45
CA ILE A 49 7.89 12.45 1.92
C ILE A 49 7.78 13.46 3.07
N THR A 50 6.96 13.24 4.13
CA THR A 50 6.97 14.19 5.23
C THR A 50 8.31 14.17 5.99
N THR A 51 8.94 13.03 6.18
CA THR A 51 10.31 13.03 6.80
C THR A 51 11.25 13.95 5.99
N ALA A 52 11.23 13.85 4.67
CA ALA A 52 12.08 14.70 3.80
C ALA A 52 11.71 16.17 4.06
N ALA A 53 10.41 16.46 4.09
CA ALA A 53 9.91 17.83 4.29
C ALA A 53 10.34 18.37 5.63
N THR A 54 10.27 17.61 6.72
CA THR A 54 10.62 18.10 8.06
CA THR A 54 10.61 18.00 8.10
C THR A 54 12.14 18.15 8.24
N SER A 55 12.89 17.20 7.72
CA SER A 55 14.34 17.09 7.98
C SER A 55 15.17 17.95 7.06
N GLY A 56 14.67 18.28 5.86
CA GLY A 56 15.46 19.02 4.87
C GLY A 56 16.40 18.13 4.09
N VAL A 57 16.25 16.83 4.26
CA VAL A 57 17.08 15.77 3.64
C VAL A 57 16.17 14.91 2.77
N GLY A 58 16.39 14.88 1.49
CA GLY A 58 15.47 14.23 0.57
C GLY A 58 15.96 14.21 -0.85
N PRO A 59 15.09 13.87 -1.81
CA PRO A 59 15.43 13.86 -3.21
C PRO A 59 15.41 15.27 -3.78
N ASP A 60 15.71 15.39 -5.04
CA ASP A 60 15.43 16.67 -5.74
C ASP A 60 13.93 16.79 -6.06
N LEU A 61 13.41 15.77 -6.74
CA LEU A 61 11.98 15.69 -7.15
C LEU A 61 11.29 14.56 -6.38
N THR A 62 10.01 14.78 -6.14
CA THR A 62 9.15 13.71 -5.61
C THR A 62 7.81 13.77 -6.36
N GLN A 63 7.29 12.58 -6.66
CA GLN A 63 5.87 12.43 -6.97
C GLN A 63 5.03 12.76 -5.74
N LEU A 64 3.87 13.35 -5.97
CA LEU A 64 2.84 13.63 -4.94
C LEU A 64 1.51 13.18 -5.53
N GLY A 65 0.69 12.54 -4.76
CA GLY A 65 -0.74 12.48 -5.16
C GLY A 65 -1.31 13.83 -5.31
N THR A 66 -2.26 14.02 -6.24
CA THR A 66 -2.86 15.33 -6.41
C THR A 66 -3.40 15.90 -5.10
N THR A 67 -3.99 15.06 -4.28
CA THR A 67 -4.58 15.52 -2.99
C THR A 67 -3.56 15.77 -1.94
N TRP A 68 -2.30 15.51 -2.15
CA TRP A 68 -1.16 15.75 -1.20
C TRP A 68 -0.55 17.12 -1.39
N VAL A 69 -0.83 17.82 -2.53
CA VAL A 69 -0.14 19.04 -2.90
C VAL A 69 -0.39 20.11 -1.85
N GLY A 70 -1.65 20.30 -1.44
CA GLY A 70 -1.85 21.38 -0.46
C GLY A 70 -1.08 21.19 0.82
N ALA A 71 -1.08 19.97 1.38
CA ALA A 71 -0.38 19.70 2.66
C ALA A 71 1.11 19.97 2.53
N ILE A 72 1.76 19.41 1.54
CA ILE A 72 3.24 19.57 1.45
C ILE A 72 3.56 21.01 1.08
N SER A 73 2.74 21.65 0.21
CA SER A 73 2.95 23.08 -0.10
C SER A 73 2.84 23.91 1.19
N ALA A 74 1.86 23.64 2.03
CA ALA A 74 1.60 24.42 3.25
C ALA A 74 2.78 24.30 4.20
N MET A 75 3.62 23.29 4.07
CA MET A 75 4.84 23.15 4.91
C MET A 75 5.93 24.10 4.49
N GLY A 76 5.81 24.77 3.34
CA GLY A 76 6.79 25.72 2.84
C GLY A 76 8.07 25.12 2.32
N VAL A 77 8.05 23.86 1.89
CA VAL A 77 9.25 23.11 1.44
C VAL A 77 9.30 22.93 -0.07
N LEU A 78 8.36 23.46 -0.86
CA LEU A 78 8.38 23.23 -2.31
C LEU A 78 8.80 24.51 -3.05
N GLU A 79 9.58 24.26 -4.07
CA GLU A 79 10.06 25.35 -4.92
C GLU A 79 8.92 25.77 -5.83
N PRO A 80 8.71 27.08 -6.07
CA PRO A 80 7.74 27.45 -7.11
C PRO A 80 8.18 26.96 -8.48
N VAL A 81 7.20 26.56 -9.29
CA VAL A 81 7.38 25.95 -10.63
C VAL A 81 6.47 26.65 -11.62
N ASP A 82 6.16 27.93 -11.41
CA ASP A 82 5.42 28.70 -12.45
C ASP A 82 6.19 28.69 -13.76
N ASP A 83 7.51 28.81 -13.70
CA ASP A 83 8.39 28.80 -14.87
C ASP A 83 8.27 27.55 -15.69
N VAL A 84 8.19 26.38 -15.03
CA VAL A 84 8.02 25.10 -15.75
C VAL A 84 6.68 25.13 -16.45
N LEU A 85 5.64 25.53 -15.70
CA LEU A 85 4.27 25.41 -16.23
C LEU A 85 4.13 26.39 -17.41
N GLU A 86 4.75 27.53 -17.36
CA GLU A 86 4.70 28.51 -18.49
CA GLU A 86 4.72 28.51 -18.48
C GLU A 86 5.37 27.92 -19.72
N ALA A 87 6.46 27.26 -19.51
CA ALA A 87 7.17 26.59 -20.62
C ALA A 87 6.29 25.54 -21.30
N LEU A 88 5.37 24.95 -20.56
CA LEU A 88 4.51 23.86 -21.06
C LEU A 88 3.20 24.41 -21.62
N GLY A 89 2.93 25.69 -21.49
CA GLY A 89 1.79 26.35 -22.11
C GLY A 89 0.89 27.03 -21.08
N GLY A 90 1.25 27.01 -19.81
CA GLY A 90 0.53 27.71 -18.75
C GLY A 90 -0.80 27.15 -18.45
N GLU A 91 -1.64 27.91 -17.74
CA GLU A 91 -2.89 27.42 -17.18
C GLU A 91 -3.74 26.72 -18.23
N LYS A 92 -3.85 27.26 -19.43
CA LYS A 92 -4.79 26.75 -20.42
C LYS A 92 -4.26 25.53 -21.15
N ALA A 93 -3.10 25.01 -20.75
CA ALA A 93 -2.59 23.75 -21.29
C ALA A 93 -3.22 22.57 -20.55
N TYR A 94 -4.02 22.76 -19.52
CA TYR A 94 -4.51 21.72 -18.62
C TYR A 94 -6.01 21.88 -18.45
N LEU A 95 -6.69 20.78 -18.14
CA LEU A 95 -8.08 20.92 -17.63
C LEU A 95 -8.04 21.74 -16.38
N PRO A 96 -9.05 22.60 -16.16
CA PRO A 96 -9.16 23.31 -14.88
C PRO A 96 -9.04 22.46 -13.64
N ALA A 97 -9.63 21.29 -13.65
CA ALA A 97 -9.55 20.39 -12.48
C ALA A 97 -8.11 20.06 -12.20
N VAL A 98 -7.33 19.82 -13.23
CA VAL A 98 -5.93 19.42 -13.09
C VAL A 98 -5.11 20.63 -12.67
N TRP A 99 -5.36 21.78 -13.26
CA TRP A 99 -4.65 23.01 -12.89
C TRP A 99 -4.84 23.32 -11.40
N ARG A 100 -6.00 23.04 -10.83
CA ARG A 100 -6.32 23.28 -9.39
C ARG A 100 -5.27 22.54 -8.51
N THR A 101 -4.77 21.39 -9.00
CA THR A 101 -3.85 20.54 -8.20
C THR A 101 -2.42 21.03 -8.25
N THR A 102 -2.10 22.12 -8.99
CA THR A 102 -0.71 22.63 -9.08
C THR A 102 -0.31 23.51 -7.87
N ARG A 103 -1.15 23.68 -6.88
CA ARG A 103 -0.86 24.60 -5.78
C ARG A 103 -1.77 24.32 -4.60
N LEU A 104 -1.38 24.83 -3.48
CA LEU A 104 -2.31 24.97 -2.34
C LEU A 104 -3.52 25.77 -2.77
N GLU A 105 -4.73 25.38 -2.42
CA GLU A 105 -5.94 26.04 -2.89
C GLU A 105 -5.89 27.56 -2.72
N GLY A 106 -6.09 28.24 -3.81
CA GLY A 106 -6.17 29.72 -3.70
C GLY A 106 -4.83 30.37 -4.01
N ALA A 107 -3.70 29.66 -3.92
CA ALA A 107 -2.38 30.29 -3.96
C ALA A 107 -2.05 30.88 -5.33
N ARG A 108 -1.21 31.95 -5.30
CA ARG A 108 -0.76 32.66 -6.53
C ARG A 108 0.28 31.77 -7.25
N GLN A 109 1.22 31.18 -6.55
CA GLN A 109 2.29 30.43 -7.23
C GLN A 109 2.09 28.92 -7.26
N ALA A 110 2.43 28.30 -8.36
CA ALA A 110 2.42 26.85 -8.51
C ALA A 110 3.55 26.26 -7.72
N THR A 111 3.27 25.11 -7.12
CA THR A 111 4.29 24.32 -6.41
C THR A 111 4.28 22.86 -6.90
N ALA A 112 3.48 22.49 -7.88
CA ALA A 112 3.53 21.12 -8.41
C ALA A 112 3.21 21.10 -9.89
N VAL A 113 3.84 20.18 -10.63
CA VAL A 113 3.70 20.03 -12.08
C VAL A 113 2.82 18.83 -12.36
N PRO A 114 1.70 18.95 -13.10
CA PRO A 114 0.84 17.79 -13.40
C PRO A 114 1.59 16.72 -14.13
N TRP A 115 1.48 15.49 -13.65
CA TRP A 115 2.21 14.37 -14.32
C TRP A 115 1.26 13.47 -15.04
N PHE A 116 0.30 12.84 -14.38
CA PHE A 116 -0.71 12.03 -15.09
C PHE A 116 -1.99 12.09 -14.27
N SER A 117 -3.08 11.79 -14.94
CA SER A 117 -4.44 11.88 -14.37
C SER A 117 -5.04 10.48 -14.26
N GLU A 118 -5.58 10.20 -13.09
CA GLU A 118 -6.53 9.11 -12.84
C GLU A 118 -7.92 9.69 -13.04
N LEU A 119 -8.74 9.01 -13.83
CA LEU A 119 -10.17 9.38 -13.88
C LEU A 119 -10.95 8.07 -13.95
N ARG A 120 -12.20 8.16 -13.58
CA ARG A 120 -13.07 6.93 -13.65
C ARG A 120 -14.22 7.17 -14.60
N ALA A 121 -14.47 6.09 -15.37
CA ALA A 121 -15.67 5.94 -16.25
C ALA A 121 -16.20 4.56 -16.01
N PHE A 122 -17.38 4.29 -16.55
CA PHE A 122 -17.99 2.95 -16.39
C PHE A 122 -17.60 2.05 -17.51
N TYR A 123 -17.02 0.93 -17.19
CA TYR A 123 -16.87 -0.19 -18.11
C TYR A 123 -18.18 -0.97 -18.03
N TYR A 124 -18.54 -1.57 -19.18
CA TYR A 124 -19.75 -2.42 -19.24
C TYR A 124 -19.49 -3.57 -20.17
N ARG A 125 -20.23 -4.64 -19.94
CA ARG A 125 -20.22 -5.84 -20.77
C ARG A 125 -21.20 -5.62 -21.94
N THR A 126 -20.65 -5.46 -23.14
CA THR A 126 -21.53 -5.13 -24.27
C THR A 126 -22.47 -6.28 -24.57
N ASP A 127 -22.02 -7.51 -24.31
CA ASP A 127 -22.84 -8.73 -24.54
C ASP A 127 -24.01 -8.75 -23.52
N ALA A 128 -23.76 -8.41 -22.23
CA ALA A 128 -24.76 -8.40 -21.17
C ALA A 128 -25.79 -7.31 -21.50
N LEU A 129 -25.40 -6.09 -21.86
CA LEU A 129 -26.42 -5.08 -22.14
C LEU A 129 -27.26 -5.47 -23.33
N LYS A 130 -26.65 -6.05 -24.35
CA LYS A 130 -27.43 -6.42 -25.56
C LYS A 130 -28.43 -7.48 -25.16
N ALA A 131 -28.01 -8.45 -24.35
CA ALA A 131 -28.95 -9.55 -24.02
C ALA A 131 -30.07 -9.06 -23.13
N ALA A 132 -29.93 -8.02 -22.32
CA ALA A 132 -30.89 -7.40 -21.41
C ALA A 132 -31.81 -6.45 -22.20
N GLY A 133 -31.48 -6.16 -23.44
CA GLY A 133 -32.18 -5.08 -24.20
C GLY A 133 -31.93 -3.67 -23.69
N VAL A 134 -30.71 -3.46 -23.20
CA VAL A 134 -30.34 -2.16 -22.65
C VAL A 134 -29.51 -1.36 -23.65
N ASN A 135 -30.12 -0.25 -24.07
CA ASN A 135 -29.43 0.72 -24.97
C ASN A 135 -28.35 1.41 -24.12
N PRO A 136 -27.05 1.30 -24.45
CA PRO A 136 -26.02 1.85 -23.61
C PRO A 136 -26.15 3.37 -23.51
N ALA A 137 -26.48 4.02 -24.63
CA ALA A 137 -26.66 5.50 -24.54
C ALA A 137 -27.72 5.92 -23.54
N GLU A 138 -28.92 5.32 -23.55
CA GLU A 138 -29.98 5.68 -22.59
C GLU A 138 -29.52 5.35 -21.17
N MET A 139 -28.84 4.22 -20.97
CA MET A 139 -28.42 3.84 -19.61
C MET A 139 -27.48 4.86 -19.01
N PHE A 140 -26.63 5.49 -19.85
CA PHE A 140 -25.59 6.43 -19.36
C PHE A 140 -25.98 7.88 -19.65
N ALA A 141 -27.23 8.21 -20.04
CA ALA A 141 -27.69 9.59 -20.35
C ALA A 141 -28.35 10.28 -19.13
N SER A 142 -28.60 9.55 -18.03
CA SER A 142 -29.36 10.13 -16.89
C SER A 142 -29.27 9.14 -15.74
N TRP A 143 -29.55 9.58 -14.53
CA TRP A 143 -29.54 8.71 -13.34
C TRP A 143 -30.72 7.78 -13.45
N GLN A 144 -31.91 8.27 -13.89
CA GLN A 144 -33.05 7.36 -14.06
C GLN A 144 -32.65 6.28 -15.07
N GLY A 145 -32.01 6.64 -16.16
CA GLY A 145 -31.59 5.68 -17.19
C GLY A 145 -30.66 4.65 -16.61
N PHE A 146 -29.73 5.12 -15.80
CA PHE A 146 -28.70 4.24 -15.20
C PHE A 146 -29.39 3.22 -14.33
N GLU A 147 -30.23 3.68 -13.43
CA GLU A 147 -30.91 2.74 -12.50
C GLU A 147 -31.84 1.82 -13.30
N ALA A 148 -32.47 2.31 -14.34
CA ALA A 148 -33.38 1.46 -15.16
C ALA A 148 -32.58 0.41 -15.88
N GLY A 149 -31.37 0.75 -16.33
CA GLY A 149 -30.48 -0.21 -16.97
C GLY A 149 -30.05 -1.29 -15.98
N LEU A 150 -29.73 -0.91 -14.75
CA LEU A 150 -29.31 -1.88 -13.72
C LEU A 150 -30.50 -2.78 -13.41
N ALA A 151 -31.69 -2.24 -13.43
CA ALA A 151 -32.90 -3.07 -13.11
C ALA A 151 -33.13 -4.06 -14.23
N ARG A 152 -32.91 -3.71 -15.49
CA ARG A 152 -33.02 -4.70 -16.57
C ARG A 152 -31.92 -5.71 -16.52
N LEU A 153 -30.75 -5.28 -16.13
CA LEU A 153 -29.61 -6.21 -15.98
C LEU A 153 -29.88 -7.20 -14.86
N LYS A 154 -30.57 -6.76 -13.81
CA LYS A 154 -30.87 -7.62 -12.63
C LYS A 154 -31.83 -8.70 -13.14
N ALA A 155 -32.83 -8.37 -13.92
CA ALA A 155 -33.88 -9.29 -14.35
C ALA A 155 -33.42 -10.21 -15.45
N SER A 156 -32.34 -9.92 -16.14
CA SER A 156 -31.88 -10.67 -17.31
C SER A 156 -31.49 -12.13 -16.96
N SER A 157 -31.86 -13.00 -17.91
CA SER A 157 -31.52 -14.43 -17.92
C SER A 157 -30.12 -14.63 -18.47
N PHE A 158 -29.43 -13.59 -18.92
CA PHE A 158 -28.09 -13.76 -19.51
C PHE A 158 -27.16 -14.41 -18.50
N ARG A 159 -26.33 -15.34 -19.00
CA ARG A 159 -25.30 -15.95 -18.16
C ARG A 159 -23.94 -15.66 -18.78
N ASP A 160 -22.93 -15.49 -17.95
CA ASP A 160 -21.62 -15.31 -18.57
C ASP A 160 -21.23 -16.60 -19.28
N PRO A 161 -20.64 -16.49 -20.50
CA PRO A 161 -20.31 -17.70 -21.25
C PRO A 161 -19.41 -18.64 -20.44
N GLU A 162 -18.54 -18.15 -19.52
CA GLU A 162 -17.57 -18.98 -18.79
C GLU A 162 -18.21 -19.41 -17.47
N THR A 163 -18.74 -18.46 -16.69
CA THR A 163 -19.19 -18.80 -15.34
C THR A 163 -20.49 -19.57 -15.41
N LYS A 164 -21.25 -19.42 -16.49
CA LYS A 164 -22.60 -19.97 -16.71
C LYS A 164 -23.55 -19.52 -15.59
N ALA A 165 -23.25 -18.35 -15.04
CA ALA A 165 -24.04 -17.77 -13.95
C ALA A 165 -24.45 -16.36 -14.34
N PRO A 166 -25.50 -15.80 -13.73
CA PRO A 166 -25.79 -14.40 -13.96
C PRO A 166 -24.63 -13.49 -13.54
N LEU A 167 -24.63 -12.27 -14.11
CA LEU A 167 -23.68 -11.24 -13.76
C LEU A 167 -24.35 -10.30 -12.76
N ALA A 168 -23.59 -9.78 -11.81
CA ALA A 168 -24.15 -8.67 -11.00
C ALA A 168 -24.38 -7.46 -11.89
N PRO A 169 -25.46 -6.67 -11.70
CA PRO A 169 -25.63 -5.49 -12.52
C PRO A 169 -24.48 -4.49 -12.35
N LEU A 170 -24.13 -4.16 -11.10
CA LEU A 170 -23.09 -3.16 -10.81
C LEU A 170 -22.19 -3.72 -9.72
N CYS A 171 -20.90 -3.67 -9.92
CA CYS A 171 -19.96 -4.01 -8.82
C CYS A 171 -19.27 -2.70 -8.44
N THR A 172 -19.24 -2.44 -7.14
CA THR A 172 -18.56 -1.27 -6.56
C THR A 172 -18.09 -1.68 -5.19
N PRO A 173 -16.90 -1.23 -4.77
CA PRO A 173 -16.63 -1.29 -3.34
C PRO A 173 -17.64 -0.47 -2.55
N GLY A 174 -17.65 -0.74 -1.25
CA GLY A 174 -18.33 0.07 -0.27
C GLY A 174 -17.33 0.83 0.57
N LYS A 175 -17.10 0.41 1.79
CA LYS A 175 -16.19 1.12 2.69
C LYS A 175 -14.75 0.56 2.74
N ASN A 176 -14.56 -0.63 2.22
CA ASN A 176 -13.26 -1.36 2.40
C ASN A 176 -12.39 -1.12 1.19
N SER A 177 -12.10 0.14 0.89
CA SER A 177 -11.26 0.44 -0.28
C SER A 177 -10.55 1.75 -0.01
N TRP A 178 -9.48 2.03 -0.74
CA TRP A 178 -8.75 3.31 -0.53
C TRP A 178 -9.57 4.49 -1.07
N ASP A 179 -10.53 4.27 -1.96
CA ASP A 179 -11.16 5.28 -2.81
C ASP A 179 -12.63 5.49 -2.47
N VAL A 180 -13.00 5.25 -1.20
CA VAL A 180 -14.41 5.38 -0.77
C VAL A 180 -14.95 6.73 -1.21
N LEU A 181 -14.22 7.83 -0.89
CA LEU A 181 -14.78 9.15 -1.23
C LEU A 181 -14.81 9.33 -2.73
N HIS A 182 -13.78 8.87 -3.43
CA HIS A 182 -13.70 9.10 -4.90
C HIS A 182 -14.85 8.35 -5.61
N ASN A 183 -15.26 7.23 -5.05
CA ASN A 183 -16.32 6.44 -5.69
C ASN A 183 -17.68 7.19 -5.54
N ALA A 184 -17.81 7.95 -4.44
CA ALA A 184 -19.03 8.71 -4.14
C ALA A 184 -19.04 10.09 -4.81
N ALA A 185 -17.88 10.67 -5.01
CA ALA A 185 -17.77 12.09 -5.39
C ALA A 185 -18.61 12.42 -6.63
N PRO A 186 -18.57 11.63 -7.73
CA PRO A 186 -19.34 12.03 -8.89
C PRO A 186 -20.81 12.17 -8.62
N TRP A 187 -21.32 11.32 -7.71
CA TRP A 187 -22.75 11.33 -7.34
C TRP A 187 -23.08 12.55 -6.50
N ILE A 188 -22.25 12.86 -5.52
CA ILE A 188 -22.34 14.13 -4.77
C ILE A 188 -22.41 15.31 -5.73
N TRP A 189 -21.45 15.35 -6.62
CA TRP A 189 -21.34 16.50 -7.50
C TRP A 189 -22.46 16.58 -8.50
N GLY A 190 -22.86 15.45 -9.07
CA GLY A 190 -23.90 15.42 -10.09
C GLY A 190 -25.26 15.79 -9.56
N ALA A 191 -25.47 15.71 -8.22
CA ALA A 191 -26.70 16.15 -7.58
C ALA A 191 -26.63 17.64 -7.22
N GLY A 192 -25.51 18.30 -7.52
CA GLY A 192 -25.33 19.73 -7.21
C GLY A 192 -24.61 19.98 -5.90
N GLY A 193 -24.12 18.86 -5.29
CA GLY A 193 -23.44 18.93 -4.00
C GLY A 193 -21.97 19.10 -4.10
N GLU A 194 -21.34 19.08 -2.91
CA GLU A 194 -19.87 19.07 -2.83
C GLU A 194 -19.51 18.45 -1.49
N ILE A 195 -18.23 18.15 -1.31
CA ILE A 195 -17.76 17.59 -0.05
C ILE A 195 -17.54 18.76 0.91
N VAL A 196 -16.84 19.75 0.44
CA VAL A 196 -16.60 21.03 1.22
C VAL A 196 -16.96 22.21 0.31
N ARG A 197 -17.34 23.29 0.92
CA ARG A 197 -17.69 24.49 0.13
C ARG A 197 -17.09 25.66 0.82
N GLN A 198 -16.70 26.66 0.05
CA GLN A 198 -16.16 27.89 0.66
C GLN A 198 -17.36 28.83 0.80
N ALA A 199 -18.21 28.69 1.86
CA ALA A 199 -19.51 29.42 1.99
C ALA A 199 -19.71 30.04 3.35
N GLY A 200 -20.47 31.16 3.40
CA GLY A 200 -20.78 31.80 4.69
C GLY A 200 -19.49 32.16 5.40
N GLY A 201 -18.40 32.39 4.63
CA GLY A 201 -17.12 33.00 5.07
C GLY A 201 -16.11 31.98 5.56
N ARG A 202 -16.23 30.71 5.10
CA ARG A 202 -15.18 29.69 5.53
C ARG A 202 -15.30 28.40 4.68
N TRP A 203 -14.18 27.61 4.53
CA TRP A 203 -14.32 26.15 4.01
C TRP A 203 -15.07 25.35 5.08
N GLN A 204 -16.15 24.69 4.68
CA GLN A 204 -16.97 23.91 5.64
C GLN A 204 -17.54 22.74 4.86
N SER A 205 -17.91 21.69 5.59
CA SER A 205 -18.55 20.51 4.97
C SER A 205 -19.83 20.90 4.28
N ALA A 206 -20.08 20.35 3.11
CA ALA A 206 -21.38 20.37 2.47
C ALA A 206 -21.94 18.98 2.25
N LEU A 207 -21.46 17.99 3.00
CA LEU A 207 -21.93 16.58 2.85
C LEU A 207 -23.34 16.42 3.39
N ASN A 208 -23.82 17.31 4.22
CA ASN A 208 -25.17 17.30 4.76
C ASN A 208 -26.05 18.33 4.04
N SER A 209 -25.63 18.83 2.90
CA SER A 209 -26.52 19.73 2.11
C SER A 209 -27.58 18.88 1.45
N PRO A 210 -28.77 19.41 1.12
CA PRO A 210 -29.77 18.60 0.44
C PRO A 210 -29.26 17.99 -0.86
N GLU A 211 -28.47 18.76 -1.62
CA GLU A 211 -27.94 18.26 -2.89
C GLU A 211 -26.99 17.07 -2.65
N SER A 212 -26.03 17.24 -1.75
CA SER A 212 -25.04 16.18 -1.46
C SER A 212 -25.79 14.92 -1.03
N LEU A 213 -26.77 15.09 -0.14
CA LEU A 213 -27.53 13.95 0.40
C LEU A 213 -28.28 13.27 -0.72
N GLU A 214 -28.86 14.01 -1.65
CA GLU A 214 -29.60 13.38 -2.77
C GLU A 214 -28.67 12.48 -3.53
N GLY A 215 -27.51 12.99 -3.88
CA GLY A 215 -26.60 12.21 -4.72
C GLY A 215 -26.05 11.00 -3.97
N LEU A 216 -25.66 11.15 -2.71
CA LEU A 216 -25.15 10.02 -1.90
C LEU A 216 -26.26 8.97 -1.77
N TYR A 217 -27.48 9.39 -1.48
CA TYR A 217 -28.53 8.42 -1.26
C TYR A 217 -28.81 7.67 -2.58
N PHE A 218 -28.79 8.37 -3.71
CA PHE A 218 -29.02 7.74 -5.03
C PHE A 218 -28.03 6.62 -5.19
N PHE A 219 -26.75 6.90 -4.99
CA PHE A 219 -25.67 5.92 -5.25
C PHE A 219 -25.79 4.76 -4.27
N LEU A 220 -25.80 5.05 -2.97
CA LEU A 220 -25.74 3.98 -1.95
C LEU A 220 -27.04 3.18 -2.05
N SER A 221 -28.17 3.74 -2.44
CA SER A 221 -29.45 2.99 -2.49
C SER A 221 -29.38 1.99 -3.64
N LEU A 222 -28.54 2.18 -4.65
CA LEU A 222 -28.46 1.16 -5.73
C LEU A 222 -28.00 -0.14 -5.12
N ALA A 223 -27.07 -0.11 -4.18
CA ALA A 223 -26.63 -1.34 -3.52
C ALA A 223 -27.71 -1.90 -2.62
N GLN A 224 -28.50 -1.08 -1.96
CA GLN A 224 -29.57 -1.60 -1.12
C GLN A 224 -30.71 -2.23 -1.93
N LYS A 225 -30.93 -1.75 -3.16
CA LYS A 225 -31.99 -2.25 -4.08
C LYS A 225 -31.61 -3.57 -4.77
N GLY A 226 -30.38 -4.06 -4.54
CA GLY A 226 -30.03 -5.36 -5.06
C GLY A 226 -29.21 -5.30 -6.33
N TYR A 227 -28.80 -4.12 -6.72
CA TYR A 227 -28.05 -3.99 -7.99
C TYR A 227 -26.58 -4.24 -7.77
N VAL A 228 -26.13 -4.28 -6.53
CA VAL A 228 -24.71 -4.56 -6.16
C VAL A 228 -24.70 -5.77 -5.28
N PRO A 229 -23.87 -6.77 -5.52
CA PRO A 229 -23.82 -7.95 -4.68
C PRO A 229 -23.33 -7.63 -3.28
N ALA A 230 -23.88 -8.31 -2.27
CA ALA A 230 -23.37 -8.18 -0.92
C ALA A 230 -21.86 -8.37 -0.87
N GLU A 231 -21.35 -9.33 -1.64
CA GLU A 231 -19.92 -9.67 -1.59
C GLU A 231 -19.08 -8.48 -2.03
N SER A 232 -19.57 -7.60 -2.89
CA SER A 232 -18.79 -6.46 -3.43
C SER A 232 -18.49 -5.50 -2.29
N LEU A 233 -19.41 -5.40 -1.34
CA LEU A 233 -19.28 -4.44 -0.21
C LEU A 233 -18.16 -4.85 0.73
N GLU A 234 -17.62 -6.03 0.62
CA GLU A 234 -16.51 -6.43 1.53
C GLU A 234 -15.19 -6.09 0.84
N LYS A 235 -15.20 -5.73 -0.45
CA LYS A 235 -13.99 -5.76 -1.30
C LYS A 235 -13.44 -4.42 -1.62
N ASN A 236 -12.17 -4.39 -2.03
CA ASN A 236 -11.59 -3.13 -2.55
C ASN A 236 -11.65 -3.03 -4.09
N THR A 237 -11.19 -1.91 -4.61
CA THR A 237 -11.26 -1.63 -6.04
C THR A 237 -10.54 -2.72 -6.87
N ALA A 238 -9.37 -3.14 -6.45
CA ALA A 238 -8.58 -4.13 -7.16
C ALA A 238 -9.34 -5.43 -7.22
N GLN A 239 -9.97 -5.79 -6.13
CA GLN A 239 -10.79 -7.01 -6.09
C GLN A 239 -12.01 -6.93 -7.01
N ILE A 240 -12.66 -5.79 -7.07
CA ILE A 240 -13.79 -5.57 -7.99
C ILE A 240 -13.29 -5.70 -9.44
N GLU A 241 -12.14 -5.15 -9.77
CA GLU A 241 -11.55 -5.31 -11.12
C GLU A 241 -11.46 -6.80 -11.43
N ALA A 242 -10.92 -7.56 -10.49
CA ALA A 242 -10.76 -9.02 -10.75
C ALA A 242 -12.11 -9.67 -10.99
N ASP A 243 -13.12 -9.28 -10.22
CA ASP A 243 -14.46 -9.83 -10.42
C ASP A 243 -14.99 -9.48 -11.81
N PHE A 244 -14.77 -8.26 -12.29
CA PHE A 244 -15.22 -7.95 -13.67
C PHE A 244 -14.44 -8.78 -14.69
N GLN A 245 -13.15 -8.95 -14.52
CA GLN A 245 -12.31 -9.76 -15.44
C GLN A 245 -12.91 -11.18 -15.46
N ALA A 246 -13.34 -11.69 -14.29
CA ALA A 246 -13.78 -13.07 -14.09
C ALA A 246 -15.23 -13.28 -14.49
N GLY A 247 -15.91 -12.27 -15.05
CA GLY A 247 -17.25 -12.47 -15.61
C GLY A 247 -18.36 -12.35 -14.60
N LYS A 248 -18.11 -11.71 -13.49
CA LYS A 248 -19.09 -11.62 -12.42
C LYS A 248 -19.88 -10.32 -12.41
N CYS A 249 -19.53 -9.35 -13.26
CA CYS A 249 -20.01 -7.94 -13.09
CA CYS A 249 -19.99 -7.97 -13.11
C CYS A 249 -20.37 -7.43 -14.50
N ALA A 250 -21.58 -6.87 -14.68
CA ALA A 250 -21.93 -6.26 -15.97
C ALA A 250 -21.39 -4.85 -16.12
N VAL A 251 -21.32 -4.11 -15.02
CA VAL A 251 -20.94 -2.69 -15.03
C VAL A 251 -20.03 -2.41 -13.85
N PHE A 252 -18.94 -1.64 -14.02
CA PHE A 252 -18.14 -1.19 -12.87
C PHE A 252 -17.36 0.03 -13.34
N ALA A 253 -17.00 0.88 -12.35
CA ALA A 253 -16.16 2.06 -12.64
C ALA A 253 -14.70 1.74 -12.47
N SER A 254 -13.91 2.25 -13.40
CA SER A 254 -12.45 2.08 -13.27
C SER A 254 -11.79 3.13 -14.14
N GLY A 255 -10.50 3.00 -14.25
CA GLY A 255 -9.68 3.93 -15.07
C GLY A 255 -9.24 3.30 -16.36
N PRO A 256 -8.43 4.04 -17.17
CA PRO A 256 -8.06 3.59 -18.49
C PRO A 256 -7.24 2.33 -18.53
N TRP A 257 -6.61 1.96 -17.42
CA TRP A 257 -5.66 0.81 -17.38
C TRP A 257 -6.35 -0.47 -17.76
N MET A 258 -7.65 -0.57 -17.57
CA MET A 258 -8.35 -1.86 -17.85
C MET A 258 -8.30 -2.14 -19.36
N ILE A 259 -8.26 -1.12 -20.19
CA ILE A 259 -8.20 -1.29 -21.67
C ILE A 259 -6.92 -2.04 -22.02
N GLN A 260 -5.82 -1.65 -21.39
CA GLN A 260 -4.54 -2.37 -21.60
C GLN A 260 -4.62 -3.77 -21.03
N ARG A 261 -5.22 -3.94 -19.86
CA ARG A 261 -5.22 -5.26 -19.21
C ARG A 261 -5.98 -6.21 -20.09
N ALA A 262 -6.98 -5.75 -20.86
CA ALA A 262 -7.82 -6.66 -21.69
C ALA A 262 -6.96 -7.25 -22.81
N GLN A 263 -5.81 -6.62 -23.09
CA GLN A 263 -4.90 -7.06 -24.19
C GLN A 263 -3.79 -7.94 -23.64
N VAL A 264 -3.67 -8.16 -22.36
CA VAL A 264 -2.49 -8.78 -21.68
C VAL A 264 -2.91 -10.17 -21.20
N PRO A 265 -2.07 -11.24 -21.40
CA PRO A 265 -2.47 -12.54 -20.90
C PRO A 265 -2.59 -12.58 -19.39
N GLU A 266 -3.44 -13.47 -18.90
CA GLU A 266 -3.66 -13.72 -17.46
C GLU A 266 -2.32 -13.98 -16.75
N ALA A 267 -1.41 -14.75 -17.37
CA ALA A 267 -0.10 -15.12 -16.76
C ALA A 267 0.74 -13.85 -16.57
N LYS A 268 0.33 -12.72 -17.13
CA LYS A 268 1.03 -11.41 -16.98
C LYS A 268 0.08 -10.42 -16.29
N GLY A 269 -0.93 -10.93 -15.59
CA GLY A 269 -1.88 -10.12 -14.81
C GLY A 269 -2.88 -9.37 -15.69
N GLY A 270 -3.10 -9.73 -16.96
CA GLY A 270 -4.28 -9.19 -17.69
C GLY A 270 -5.47 -10.16 -17.77
N PHE A 271 -6.35 -9.94 -18.73
CA PHE A 271 -7.56 -10.78 -18.90
C PHE A 271 -7.92 -11.02 -20.36
N ALA A 272 -6.91 -11.15 -21.21
CA ALA A 272 -7.17 -11.31 -22.63
C ALA A 272 -7.91 -12.61 -22.91
N GLU A 273 -7.75 -13.66 -22.10
CA GLU A 273 -8.38 -14.98 -22.32
C GLU A 273 -9.85 -14.99 -21.85
N ARG A 274 -10.34 -13.94 -21.15
CA ARG A 274 -11.69 -13.98 -20.59
C ARG A 274 -12.70 -13.36 -21.53
N THR A 275 -13.94 -13.79 -21.42
CA THR A 275 -15.03 -13.22 -22.22
C THR A 275 -15.06 -11.70 -22.17
N ALA A 276 -14.85 -11.12 -20.99
CA ALA A 276 -14.99 -9.68 -20.84
C ALA A 276 -14.06 -8.93 -21.79
N ALA A 277 -12.85 -9.45 -22.09
CA ALA A 277 -11.87 -8.72 -22.92
C ALA A 277 -12.42 -8.45 -24.29
N LYS A 278 -13.33 -9.28 -24.80
CA LYS A 278 -13.86 -9.12 -26.20
C LYS A 278 -15.19 -8.44 -26.19
N ASN A 279 -15.66 -8.04 -25.01
CA ASN A 279 -17.05 -7.57 -24.86
C ASN A 279 -16.99 -6.32 -23.98
N LEU A 280 -16.04 -5.47 -24.21
CA LEU A 280 -15.78 -4.29 -23.36
C LEU A 280 -16.30 -3.02 -23.97
N GLY A 281 -17.16 -2.33 -23.22
CA GLY A 281 -17.57 -0.97 -23.52
C GLY A 281 -17.24 -0.02 -22.40
N VAL A 282 -17.19 1.24 -22.75
CA VAL A 282 -16.93 2.34 -21.77
C VAL A 282 -17.93 3.46 -22.00
N ALA A 283 -18.42 4.06 -20.91
CA ALA A 283 -19.24 5.29 -20.93
C ALA A 283 -18.85 6.16 -19.77
N PRO A 284 -18.84 7.49 -19.94
CA PRO A 284 -18.65 8.34 -18.80
C PRO A 284 -19.78 8.17 -17.78
N TYR A 285 -19.55 8.62 -16.59
CA TYR A 285 -20.59 8.72 -15.57
C TYR A 285 -21.82 9.42 -16.17
N PRO A 286 -23.01 8.93 -15.79
CA PRO A 286 -24.22 9.52 -16.37
C PRO A 286 -24.50 10.94 -15.87
N ALA A 287 -25.10 11.77 -16.72
CA ALA A 287 -25.50 13.11 -16.37
C ALA A 287 -26.41 13.10 -15.18
N GLY A 288 -26.09 13.86 -14.14
CA GLY A 288 -26.96 13.99 -13.01
C GLY A 288 -28.01 15.08 -13.20
N PRO A 289 -28.83 15.35 -12.20
CA PRO A 289 -29.86 16.36 -12.30
C PRO A 289 -29.32 17.77 -12.28
N LYS A 290 -28.12 17.93 -11.71
CA LYS A 290 -27.50 19.24 -11.48
C LYS A 290 -26.09 19.30 -12.00
N GLY A 291 -25.78 18.54 -12.98
CA GLY A 291 -24.42 18.58 -13.49
C GLY A 291 -23.94 17.18 -13.87
N ARG A 292 -22.77 17.14 -14.49
CA ARG A 292 -22.18 15.84 -14.87
C ARG A 292 -20.69 15.97 -14.64
N TYR A 293 -20.15 15.07 -13.77
CA TYR A 293 -18.78 15.22 -13.32
C TYR A 293 -18.09 13.86 -13.32
N THR A 294 -16.83 13.92 -13.67
CA THR A 294 -15.87 12.80 -13.64
C THR A 294 -14.85 13.07 -12.53
N PHE A 295 -14.69 12.09 -11.66
CA PHE A 295 -13.64 12.16 -10.62
C PHE A 295 -12.28 12.19 -11.31
N PHE A 296 -11.43 13.15 -10.92
CA PHE A 296 -10.02 13.20 -11.28
C PHE A 296 -9.19 13.10 -10.01
N GLY A 297 -8.16 12.31 -10.16
CA GLY A 297 -6.98 12.31 -9.27
C GLY A 297 -5.74 12.06 -10.09
N GLY A 298 -4.83 11.30 -9.49
CA GLY A 298 -3.54 11.00 -10.13
C GLY A 298 -2.42 11.59 -9.36
N SER A 299 -1.35 11.93 -10.05
CA SER A 299 -0.09 12.40 -9.39
C SER A 299 0.52 13.54 -10.21
N ASN A 300 1.20 14.36 -9.39
CA ASN A 300 2.00 15.51 -9.85
C ASN A 300 3.45 15.27 -9.41
N LEU A 301 4.33 16.15 -9.85
CA LEU A 301 5.76 16.16 -9.45
C LEU A 301 6.07 17.48 -8.74
N ALA A 302 6.90 17.47 -7.76
CA ALA A 302 7.31 18.68 -7.04
C ALA A 302 8.80 18.63 -6.78
N LEU A 303 9.35 19.84 -6.60
CA LEU A 303 10.80 20.03 -6.36
C LEU A 303 11.00 20.59 -4.98
N PHE A 304 11.72 19.88 -4.17
CA PHE A 304 12.02 20.37 -2.83
C PHE A 304 12.89 21.63 -2.88
N ASN A 305 12.62 22.59 -2.03
CA ASN A 305 13.33 23.89 -2.05
C ASN A 305 14.74 23.70 -1.51
N PHE A 306 15.08 22.58 -0.88
CA PHE A 306 16.43 22.27 -0.41
C PHE A 306 17.27 21.59 -1.48
N SER A 307 16.69 21.26 -2.65
CA SER A 307 17.45 20.68 -3.77
C SER A 307 18.71 21.54 -4.06
N LYS A 308 19.80 20.85 -4.30
CA LYS A 308 21.06 21.48 -4.74
C LYS A 308 21.14 21.56 -6.28
N ASN A 309 20.11 21.11 -7.01
CA ASN A 309 20.14 20.96 -8.48
C ASN A 309 18.87 21.63 -9.03
N LYS A 310 18.40 22.78 -8.51
CA LYS A 310 17.05 23.25 -8.97
C LYS A 310 16.97 23.52 -10.48
N PRO A 311 17.93 24.20 -11.16
CA PRO A 311 17.79 24.44 -12.60
C PRO A 311 17.69 23.14 -13.43
N LEU A 312 18.54 22.17 -13.14
CA LEU A 312 18.50 20.88 -13.85
C LEU A 312 17.18 20.17 -13.49
N ALA A 313 16.79 20.17 -12.22
CA ALA A 313 15.52 19.47 -11.84
C ALA A 313 14.37 20.11 -12.58
N LYS A 314 14.36 21.43 -12.75
CA LYS A 314 13.30 22.12 -13.54
C LYS A 314 13.34 21.68 -15.00
N GLU A 315 14.52 21.54 -15.55
CA GLU A 315 14.58 20.95 -16.92
C GLU A 315 13.92 19.56 -16.97
N LEU A 316 14.19 18.75 -15.98
CA LEU A 316 13.54 17.42 -15.94
C LEU A 316 12.03 17.54 -15.71
N LEU A 317 11.51 18.46 -14.97
CA LEU A 317 10.07 18.66 -14.84
C LEU A 317 9.52 19.04 -16.21
N LYS A 318 10.18 19.97 -16.91
CA LYS A 318 9.67 20.37 -18.24
C LYS A 318 9.63 19.11 -19.16
N TYR A 319 10.61 18.23 -19.05
CA TYR A 319 10.66 17.02 -19.88
C TYR A 319 9.52 16.10 -19.53
N LEU A 320 9.39 15.82 -18.23
CA LEU A 320 8.35 14.88 -17.78
C LEU A 320 6.97 15.47 -18.06
N GLY A 321 6.85 16.78 -17.97
CA GLY A 321 5.53 17.39 -18.19
C GLY A 321 5.17 17.65 -19.63
N GLY A 322 6.06 17.45 -20.55
CA GLY A 322 5.89 17.82 -21.94
C GLY A 322 5.37 16.70 -22.79
N PRO A 323 5.03 17.00 -24.05
CA PRO A 323 4.22 16.10 -24.84
C PRO A 323 4.74 14.67 -25.03
N GLU A 324 5.98 14.52 -25.39
CA GLU A 324 6.50 13.16 -25.69
C GLU A 324 6.48 12.28 -24.45
N ALA A 325 6.98 12.79 -23.32
CA ALA A 325 7.03 11.97 -22.13
C ALA A 325 5.63 11.83 -21.56
N GLN A 326 4.77 12.82 -21.79
CA GLN A 326 3.37 12.69 -21.28
C GLN A 326 2.72 11.52 -21.98
N VAL A 327 2.83 11.41 -23.29
CA VAL A 327 2.20 10.28 -24.01
C VAL A 327 2.81 8.96 -23.50
N ARG A 328 4.12 8.90 -23.47
CA ARG A 328 4.81 7.66 -23.12
C ARG A 328 4.46 7.22 -21.73
N TYR A 329 4.50 8.10 -20.73
CA TYR A 329 4.24 7.64 -19.35
C TYR A 329 2.74 7.38 -19.11
N ALA A 330 1.86 8.08 -19.76
CA ALA A 330 0.40 7.78 -19.66
C ALA A 330 0.22 6.37 -20.17
N GLN A 331 0.89 5.95 -21.23
CA GLN A 331 0.70 4.58 -21.75
C GLN A 331 1.33 3.57 -20.76
N MET A 332 2.47 3.90 -20.22
CA MET A 332 3.11 2.93 -19.27
C MET A 332 2.24 2.74 -18.06
N THR A 333 1.57 3.77 -17.57
CA THR A 333 0.78 3.78 -16.31
C THR A 333 -0.69 3.40 -16.56
N GLY A 334 -1.14 3.36 -17.81
CA GLY A 334 -2.59 3.17 -18.09
C GLY A 334 -3.40 4.33 -17.63
N MET A 335 -2.84 5.55 -17.64
CA MET A 335 -3.52 6.75 -17.14
C MET A 335 -3.80 7.68 -18.31
N LEU A 336 -4.39 8.83 -18.04
CA LEU A 336 -4.52 9.86 -19.07
C LEU A 336 -3.43 10.90 -18.87
N PRO A 337 -2.83 11.41 -19.98
CA PRO A 337 -1.91 12.50 -19.78
C PRO A 337 -2.53 13.68 -19.01
N ALA A 338 -1.72 14.34 -18.16
CA ALA A 338 -2.08 15.61 -17.57
C ALA A 338 -2.11 16.75 -18.61
N LEU A 339 -1.19 16.73 -19.56
CA LEU A 339 -1.01 17.82 -20.54
C LEU A 339 -2.00 17.57 -21.64
N ARG A 340 -2.96 18.47 -21.86
CA ARG A 340 -4.06 18.18 -22.80
C ARG A 340 -3.57 17.97 -24.24
N SER A 341 -2.49 18.61 -24.63
CA SER A 341 -2.00 18.48 -26.06
C SER A 341 -1.64 17.01 -26.36
N ALA A 342 -1.30 16.23 -25.33
CA ALA A 342 -0.90 14.81 -25.51
C ALA A 342 -2.10 13.96 -25.89
N TRP A 343 -3.33 14.41 -25.62
CA TRP A 343 -4.55 13.62 -25.88
C TRP A 343 -4.73 13.39 -27.36
N SER A 344 -4.14 14.25 -28.24
CA SER A 344 -4.30 14.03 -29.68
C SER A 344 -3.41 12.91 -30.21
N ASP A 345 -2.54 12.35 -29.39
CA ASP A 345 -1.62 11.35 -29.94
C ASP A 345 -2.42 10.21 -30.52
N PRO A 346 -1.96 9.60 -31.64
CA PRO A 346 -2.66 8.45 -32.18
C PRO A 346 -2.82 7.27 -31.23
N SER A 347 -1.90 7.15 -30.26
CA SER A 347 -1.99 6.05 -29.29
C SER A 347 -3.29 6.17 -28.49
N PHE A 348 -3.88 7.37 -28.36
CA PHE A 348 -5.21 7.58 -27.74
C PHE A 348 -6.28 7.60 -28.80
N GLN A 349 -6.06 8.36 -29.86
CA GLN A 349 -7.15 8.60 -30.82
C GLN A 349 -7.52 7.38 -31.68
N GLN A 350 -6.63 6.42 -31.79
CA GLN A 350 -6.92 5.24 -32.62
C GLN A 350 -7.71 4.23 -31.81
N ASN A 351 -8.02 4.47 -30.52
CA ASN A 351 -8.67 3.49 -29.67
C ASN A 351 -9.97 4.11 -29.20
N PRO A 352 -11.14 3.61 -29.63
CA PRO A 352 -12.42 4.22 -29.31
C PRO A 352 -12.67 4.22 -27.81
N LEU A 353 -12.13 3.25 -27.08
CA LEU A 353 -12.39 3.23 -25.61
C LEU A 353 -11.57 4.35 -24.98
N LEU A 354 -10.34 4.59 -25.43
CA LEU A 354 -9.58 5.73 -24.86
C LEU A 354 -10.25 7.05 -25.29
N ARG A 355 -10.80 7.16 -26.49
CA ARG A 355 -11.52 8.37 -26.87
C ARG A 355 -12.67 8.63 -25.93
N THR A 356 -13.35 7.56 -25.50
CA THR A 356 -14.45 7.74 -24.54
C THR A 356 -13.91 8.22 -23.18
N PHE A 357 -12.73 7.74 -22.77
CA PHE A 357 -12.11 8.33 -21.56
C PHE A 357 -11.80 9.81 -21.76
N ILE A 358 -11.36 10.23 -22.96
CA ILE A 358 -11.13 11.67 -23.18
C ILE A 358 -12.46 12.43 -23.11
N GLN A 359 -13.53 11.86 -23.67
CA GLN A 359 -14.86 12.47 -23.47
C GLN A 359 -15.18 12.63 -22.00
N ALA A 360 -14.92 11.58 -21.20
CA ALA A 360 -15.17 11.63 -19.74
C ALA A 360 -14.37 12.73 -19.10
N ALA A 361 -13.15 12.94 -19.59
CA ALA A 361 -12.22 13.94 -19.04
C ALA A 361 -12.77 15.35 -19.12
N GLN A 362 -13.60 15.63 -20.12
CA GLN A 362 -14.19 16.96 -20.32
C GLN A 362 -15.03 17.38 -19.10
N PHE A 363 -15.56 16.45 -18.33
CA PHE A 363 -16.38 16.63 -17.12
C PHE A 363 -15.52 16.57 -15.86
N GLY A 364 -14.21 16.62 -16.00
CA GLY A 364 -13.35 16.37 -14.84
C GLY A 364 -13.51 17.37 -13.72
N ARG A 365 -13.42 16.88 -12.49
CA ARG A 365 -13.51 17.69 -11.26
C ARG A 365 -12.64 17.04 -10.19
N THR A 366 -11.98 17.89 -9.44
CA THR A 366 -11.11 17.47 -8.31
C THR A 366 -11.61 18.10 -7.01
N TYR A 367 -11.15 17.60 -5.91
CA TYR A 367 -11.32 18.22 -4.60
C TYR A 367 -10.51 19.51 -4.53
N PRO A 368 -10.95 20.48 -3.69
CA PRO A 368 -10.09 21.59 -3.39
C PRO A 368 -8.79 21.16 -2.81
N SER A 369 -7.73 21.88 -3.13
CA SER A 369 -6.35 21.56 -2.78
CA SER A 369 -6.35 21.50 -2.74
C SER A 369 -5.99 22.05 -1.36
N LEU A 370 -6.75 21.63 -0.39
CA LEU A 370 -6.64 22.16 0.97
C LEU A 370 -5.41 21.57 1.65
N ALA A 371 -4.80 22.41 2.52
CA ALA A 371 -3.70 21.92 3.37
C ALA A 371 -4.17 20.76 4.25
N GLY A 372 -5.40 20.80 4.72
CA GLY A 372 -5.99 19.80 5.61
C GLY A 372 -6.87 18.81 4.89
N TRP A 373 -6.64 18.61 3.58
CA TRP A 373 -7.53 17.73 2.83
C TRP A 373 -7.55 16.32 3.40
N GLY A 374 -6.41 15.76 3.80
CA GLY A 374 -6.43 14.35 4.20
C GLY A 374 -7.34 14.15 5.40
N GLY A 375 -7.37 15.05 6.35
CA GLY A 375 -8.27 14.99 7.48
C GLY A 375 -9.73 15.06 7.05
N VAL A 376 -10.07 15.98 6.16
CA VAL A 376 -11.44 16.10 5.61
C VAL A 376 -11.82 14.76 5.03
N GLU A 377 -11.00 14.21 4.11
CA GLU A 377 -11.34 12.99 3.40
C GLU A 377 -11.50 11.85 4.41
N ASN A 378 -10.54 11.76 5.34
CA ASN A 378 -10.59 10.66 6.35
C ASN A 378 -11.90 10.73 7.16
N LEU A 379 -12.25 11.89 7.64
CA LEU A 379 -13.48 12.05 8.41
C LEU A 379 -14.70 11.77 7.52
N ALA A 380 -14.72 12.24 6.30
CA ALA A 380 -15.84 11.97 5.37
C ALA A 380 -15.96 10.46 5.18
N VAL A 381 -14.86 9.75 4.99
CA VAL A 381 -14.88 8.32 4.69
C VAL A 381 -15.28 7.54 5.94
N GLN A 382 -14.86 7.95 7.14
CA GLN A 382 -15.35 7.22 8.32
C GLN A 382 -16.87 7.20 8.30
N HIS A 383 -17.50 8.32 8.04
CA HIS A 383 -18.97 8.43 8.14
C HIS A 383 -19.67 7.86 6.92
N LEU A 384 -19.04 7.90 5.75
CA LEU A 384 -19.55 7.18 4.55
C LEU A 384 -19.47 5.69 4.83
N GLY A 385 -18.46 5.22 5.59
CA GLY A 385 -18.42 3.79 5.88
C GLY A 385 -19.56 3.38 6.76
N MET A 386 -19.90 4.23 7.72
CA MET A 386 -21.10 3.96 8.55
C MET A 386 -22.33 3.90 7.65
N ALA A 387 -22.45 4.68 6.60
CA ALA A 387 -23.60 4.59 5.71
C ALA A 387 -23.56 3.31 4.93
N TRP A 388 -22.38 2.88 4.46
CA TRP A 388 -22.26 1.61 3.75
C TRP A 388 -22.60 0.46 4.70
N ASP A 389 -22.34 0.56 5.98
CA ASP A 389 -22.75 -0.48 6.93
C ASP A 389 -24.28 -0.57 6.99
N LEU A 390 -24.96 0.57 6.95
CA LEU A 390 -26.46 0.51 6.92
C LEU A 390 -26.92 -0.13 5.62
N VAL A 391 -26.30 0.18 4.50
CA VAL A 391 -26.66 -0.43 3.19
C VAL A 391 -26.52 -1.95 3.30
N ALA A 392 -25.41 -2.39 3.86
CA ALA A 392 -25.13 -3.81 3.95
C ALA A 392 -26.22 -4.55 4.72
N GLN A 393 -26.92 -3.89 5.58
CA GLN A 393 -28.01 -4.48 6.39
C GLN A 393 -29.36 -4.10 5.85
N GLY A 394 -29.42 -3.38 4.76
CA GLY A 394 -30.72 -2.92 4.22
C GLY A 394 -31.37 -1.86 5.06
N ARG A 395 -30.64 -1.08 5.84
CA ARG A 395 -31.09 -0.11 6.83
C ARG A 395 -30.83 1.32 6.37
N LEU A 396 -30.33 1.55 5.17
CA LEU A 396 -30.11 2.96 4.81
C LEU A 396 -31.42 3.64 4.45
N THR A 397 -31.66 4.76 5.13
CA THR A 397 -32.77 5.68 4.82
C THR A 397 -32.18 7.08 4.63
N ARG A 398 -32.97 7.95 4.02
CA ARG A 398 -32.56 9.33 3.86
C ARG A 398 -32.29 9.97 5.22
N GLU A 399 -33.17 9.75 6.20
CA GLU A 399 -32.94 10.37 7.52
C GLU A 399 -31.73 9.79 8.25
N ALA A 400 -31.41 8.50 8.11
CA ALA A 400 -30.23 7.92 8.78
C ALA A 400 -28.96 8.47 8.08
N LEU A 401 -29.04 8.62 6.75
CA LEU A 401 -27.92 9.18 6.01
C LEU A 401 -27.69 10.61 6.44
N LYS A 402 -28.74 11.42 6.58
CA LYS A 402 -28.61 12.84 7.01
C LYS A 402 -27.93 12.87 8.39
N ASP A 403 -28.34 12.02 9.35
CA ASP A 403 -27.73 12.06 10.68
C ASP A 403 -26.22 11.75 10.58
N LEU A 404 -25.82 10.82 9.72
CA LEU A 404 -24.40 10.44 9.60
C LEU A 404 -23.64 11.61 8.98
N MET A 405 -24.24 12.27 7.99
CA MET A 405 -23.50 13.38 7.31
C MET A 405 -23.56 14.64 8.18
N ASP A 406 -24.50 14.79 9.07
CA ASP A 406 -24.43 15.87 10.10
C ASP A 406 -23.27 15.59 11.03
N LYS A 407 -23.08 14.37 11.50
CA LYS A 407 -21.90 14.03 12.33
C LYS A 407 -20.62 14.26 11.55
N ALA A 408 -20.63 13.88 10.27
CA ALA A 408 -19.40 14.06 9.47
C ALA A 408 -19.08 15.53 9.41
N SER A 409 -20.10 16.31 9.17
CA SER A 409 -19.95 17.78 8.94
C SER A 409 -19.42 18.47 10.21
N ALA A 410 -19.92 18.05 11.36
CA ALA A 410 -19.40 18.58 12.66
C ALA A 410 -17.95 18.29 12.83
N ALA A 411 -17.55 17.08 12.47
CA ALA A 411 -16.15 16.63 12.63
C ALA A 411 -15.26 17.37 11.62
N ILE A 412 -15.70 17.48 10.39
CA ILE A 412 -14.93 18.15 9.32
C ILE A 412 -14.76 19.61 9.68
N ASN A 413 -15.83 20.21 10.15
CA ASN A 413 -15.80 21.67 10.40
C ASN A 413 -14.87 21.94 11.59
N GLN A 414 -14.85 21.05 12.57
CA GLN A 414 -13.85 21.20 13.68
C GLN A 414 -12.44 21.08 13.08
N ALA A 415 -12.17 20.13 12.18
CA ALA A 415 -10.84 19.86 11.62
C ALA A 415 -10.39 21.08 10.77
N LEU A 416 -11.32 21.77 10.13
CA LEU A 416 -10.96 22.93 9.29
C LEU A 416 -10.76 24.22 10.12
N ARG A 417 -11.11 24.19 11.42
CA ARG A 417 -10.82 25.30 12.39
C ARG A 417 -9.52 25.02 13.15
N LYS B 3 -25.53 -3.91 21.01
CA LYS B 3 -24.30 -3.07 21.09
C LYS B 3 -23.43 -3.37 19.85
N THR B 4 -22.78 -2.37 19.21
CA THR B 4 -21.70 -2.72 18.23
C THR B 4 -20.34 -2.21 18.67
N LEU B 5 -19.30 -2.97 18.32
CA LEU B 5 -17.89 -2.61 18.49
C LEU B 5 -17.35 -2.35 17.13
N GLU B 6 -16.48 -1.36 17.02
CA GLU B 6 -15.86 -1.06 15.70
C GLU B 6 -14.37 -1.35 15.77
N VAL B 7 -13.87 -2.04 14.74
CA VAL B 7 -12.45 -2.42 14.70
C VAL B 7 -11.93 -2.01 13.31
N TRP B 8 -10.78 -1.39 13.26
CA TRP B 8 -10.09 -1.10 11.99
C TRP B 8 -8.95 -2.12 11.89
N ILE B 9 -8.80 -2.76 10.73
CA ILE B 9 -7.68 -3.69 10.44
C ILE B 9 -7.10 -3.29 9.10
N MET B 10 -5.93 -3.85 8.82
CA MET B 10 -5.28 -3.74 7.51
C MET B 10 -5.47 -5.07 6.79
N PRO B 11 -5.07 -5.17 5.49
CA PRO B 11 -5.41 -6.35 4.71
C PRO B 11 -4.47 -7.52 4.97
N ASN B 12 -4.70 -8.20 6.05
CA ASN B 12 -3.73 -9.15 6.62
C ASN B 12 -3.87 -10.52 5.98
N SER B 13 -5.01 -10.86 5.41
CA SER B 13 -5.36 -12.23 5.00
C SER B 13 -6.02 -12.14 3.65
N PRO B 14 -6.21 -13.29 2.95
CA PRO B 14 -6.67 -13.14 1.57
C PRO B 14 -8.08 -12.56 1.36
N GLN B 15 -8.98 -12.69 2.32
CA GLN B 15 -10.33 -12.06 2.36
C GLN B 15 -10.44 -11.28 3.67
N PRO B 16 -9.80 -10.09 3.72
CA PRO B 16 -9.54 -9.49 5.05
C PRO B 16 -10.78 -9.35 5.92
N ALA B 17 -11.85 -8.74 5.41
CA ALA B 17 -13.08 -8.50 6.17
C ALA B 17 -13.73 -9.83 6.55
N GLU B 18 -13.93 -10.72 5.60
CA GLU B 18 -14.66 -11.97 5.86
C GLU B 18 -13.83 -12.83 6.82
N ASP B 19 -12.50 -12.82 6.67
CA ASP B 19 -11.68 -13.64 7.58
C ASP B 19 -11.86 -13.14 9.01
N PHE B 20 -11.71 -11.83 9.21
CA PHE B 20 -11.82 -11.23 10.53
C PHE B 20 -13.20 -11.49 11.11
N LYS B 21 -14.27 -11.34 10.30
CA LYS B 21 -15.63 -11.66 10.77
C LYS B 21 -15.76 -13.11 11.22
N ALA B 22 -15.14 -14.02 10.50
CA ALA B 22 -15.11 -15.45 10.90
C ALA B 22 -14.36 -15.61 12.20
N LEU B 23 -13.23 -14.90 12.33
CA LEU B 23 -12.42 -14.98 13.54
C LEU B 23 -13.23 -14.57 14.79
N VAL B 24 -14.08 -13.52 14.73
CA VAL B 24 -14.75 -12.95 15.91
C VAL B 24 -16.13 -13.53 16.11
N ALA B 25 -16.64 -14.34 15.20
CA ALA B 25 -18.04 -14.85 15.31
C ALA B 25 -18.23 -15.56 16.64
N PRO B 26 -17.30 -16.37 17.14
CA PRO B 26 -17.51 -16.94 18.49
C PRO B 26 -17.66 -15.90 19.60
N PHE B 27 -16.91 -14.80 19.52
CA PHE B 27 -16.96 -13.72 20.51
C PHE B 27 -18.33 -13.06 20.43
N GLU B 28 -18.81 -12.78 19.22
CA GLU B 28 -20.09 -12.15 19.02
C GLU B 28 -21.19 -13.02 19.60
N LYS B 29 -21.06 -14.36 19.41
CA LYS B 29 -22.15 -15.26 19.93
C LYS B 29 -22.10 -15.23 21.47
N ALA B 30 -20.89 -15.31 22.02
CA ALA B 30 -20.64 -15.39 23.49
C ALA B 30 -21.18 -14.13 24.18
N HIS B 31 -21.06 -12.94 23.56
CA HIS B 31 -21.33 -11.63 24.21
C HIS B 31 -22.59 -10.96 23.68
N GLY B 32 -23.23 -11.55 22.69
CA GLY B 32 -24.45 -10.97 22.08
C GLY B 32 -24.17 -9.58 21.52
N VAL B 33 -23.07 -9.43 20.77
CA VAL B 33 -22.67 -8.09 20.26
C VAL B 33 -22.20 -8.28 18.83
N GLU B 34 -22.28 -7.26 18.03
CA GLU B 34 -21.79 -7.30 16.64
C GLU B 34 -20.45 -6.57 16.60
N VAL B 35 -19.49 -7.17 15.97
CA VAL B 35 -18.18 -6.51 15.77
C VAL B 35 -18.15 -6.03 14.30
N LYS B 36 -18.08 -4.75 14.08
CA LYS B 36 -18.03 -4.17 12.72
C LYS B 36 -16.57 -3.92 12.36
N VAL B 37 -16.17 -4.43 11.23
CA VAL B 37 -14.77 -4.27 10.78
C VAL B 37 -14.68 -3.41 9.54
N THR B 38 -13.66 -2.55 9.50
CA THR B 38 -13.31 -1.81 8.32
C THR B 38 -11.89 -2.12 7.98
N VAL B 39 -11.62 -2.35 6.71
CA VAL B 39 -10.28 -2.71 6.21
C VAL B 39 -9.67 -1.49 5.60
N LEU B 40 -8.51 -1.10 6.14
CA LEU B 40 -7.73 0.06 5.71
C LEU B 40 -6.54 -0.43 4.91
N ASP B 41 -6.41 0.08 3.70
CA ASP B 41 -5.21 -0.17 2.90
C ASP B 41 -4.01 0.37 3.64
N TRP B 42 -2.88 -0.33 3.58
CA TRP B 42 -1.66 0.18 4.21
C TRP B 42 -1.33 1.51 3.48
N GLY B 43 -1.80 1.72 2.24
CA GLY B 43 -1.73 3.00 1.51
C GLY B 43 -2.30 4.17 2.33
N VAL B 44 -3.22 3.98 3.30
CA VAL B 44 -4.01 5.09 3.98
C VAL B 44 -4.19 4.85 5.49
N ALA B 45 -3.77 3.72 6.04
CA ALA B 45 -4.11 3.41 7.46
C ALA B 45 -3.45 4.35 8.43
N TRP B 46 -2.20 4.71 8.19
CA TRP B 46 -1.51 5.61 9.12
C TRP B 46 -2.22 6.94 9.27
N THR B 47 -2.54 7.58 8.16
CA THR B 47 -3.13 8.91 8.28
C THR B 47 -4.56 8.79 8.78
N LYS B 48 -5.24 7.69 8.53
CA LYS B 48 -6.61 7.51 9.09
CA LYS B 48 -6.59 7.53 9.09
C LYS B 48 -6.51 7.38 10.60
N ILE B 49 -5.51 6.61 11.09
CA ILE B 49 -5.32 6.49 12.54
C ILE B 49 -4.90 7.80 13.18
N THR B 50 -4.03 8.67 12.55
CA THR B 50 -3.69 9.97 13.15
C THR B 50 -4.88 10.93 13.08
N THR B 51 -5.71 10.86 12.05
CA THR B 51 -6.97 11.63 12.05
C THR B 51 -7.85 11.23 13.22
N ALA B 52 -7.99 9.92 13.47
CA ALA B 52 -8.78 9.43 14.62
C ALA B 52 -8.22 10.04 15.91
N ALA B 53 -6.89 9.94 16.03
CA ALA B 53 -6.17 10.40 17.23
C ALA B 53 -6.44 11.88 17.46
N THR B 54 -6.44 12.71 16.43
CA THR B 54 -6.60 14.18 16.59
C THR B 54 -8.07 14.56 16.74
N SER B 55 -9.02 13.89 16.09
CA SER B 55 -10.45 14.24 16.08
C SER B 55 -11.35 13.59 17.19
N GLY B 56 -10.96 12.47 17.80
CA GLY B 56 -11.87 11.67 18.64
C GLY B 56 -12.86 10.83 17.91
N VAL B 57 -12.80 10.78 16.60
CA VAL B 57 -13.76 10.05 15.77
C VAL B 57 -12.95 8.87 15.34
N GLY B 58 -13.41 7.70 15.69
CA GLY B 58 -12.60 6.55 15.37
C GLY B 58 -13.30 5.28 15.80
N PRO B 59 -12.65 4.13 15.63
CA PRO B 59 -13.19 2.86 16.05
C PRO B 59 -12.94 2.69 17.56
N ASP B 60 -13.36 1.58 18.10
CA ASP B 60 -12.97 1.20 19.46
C ASP B 60 -11.54 0.68 19.47
N LEU B 61 -11.27 -0.27 18.56
CA LEU B 61 -9.95 -0.90 18.42
C LEU B 61 -9.40 -0.55 17.02
N THR B 62 -8.09 -0.41 17.00
CA THR B 62 -7.33 -0.37 15.73
C THR B 62 -6.16 -1.32 15.78
N GLN B 63 -5.90 -1.94 14.64
CA GLN B 63 -4.59 -2.55 14.35
C GLN B 63 -3.53 -1.42 14.28
N LEU B 64 -2.34 -1.73 14.73
CA LEU B 64 -1.15 -0.85 14.57
C LEU B 64 0.00 -1.73 14.13
N GLY B 65 0.83 -1.26 13.19
CA GLY B 65 2.08 -2.02 13.00
C GLY B 65 2.88 -1.89 14.25
N THR B 66 3.71 -2.89 14.54
CA THR B 66 4.49 -2.84 15.78
C THR B 66 5.35 -1.59 15.92
N THR B 67 5.92 -1.12 14.82
CA THR B 67 6.77 0.10 14.88
C THR B 67 5.97 1.37 14.95
N TRP B 68 4.62 1.32 14.92
CA TRP B 68 3.73 2.49 15.08
C TRP B 68 3.35 2.76 16.54
N VAL B 69 3.60 1.81 17.43
CA VAL B 69 3.10 1.87 18.82
C VAL B 69 3.67 3.07 19.54
N GLY B 70 4.98 3.33 19.39
CA GLY B 70 5.51 4.49 20.11
C GLY B 70 4.89 5.80 19.67
N ALA B 71 4.77 6.03 18.37
CA ALA B 71 4.23 7.30 17.87
C ALA B 71 2.77 7.52 18.32
N ILE B 72 1.94 6.49 18.21
CA ILE B 72 0.49 6.66 18.55
C ILE B 72 0.36 6.74 20.05
N SER B 73 1.18 5.99 20.82
CA SER B 73 1.14 6.09 22.30
C SER B 73 1.54 7.50 22.74
N ALA B 74 2.53 8.09 22.09
CA ALA B 74 3.08 9.42 22.42
C ALA B 74 2.04 10.47 22.17
N MET B 75 1.08 10.25 21.31
CA MET B 75 -0.07 11.19 21.12
C MET B 75 -1.01 11.20 22.32
N GLY B 76 -0.89 10.26 23.26
CA GLY B 76 -1.76 10.22 24.44
C GLY B 76 -3.18 9.73 24.22
N VAL B 77 -3.44 9.04 23.12
CA VAL B 77 -4.79 8.60 22.72
C VAL B 77 -5.07 7.14 22.97
N LEU B 78 -4.11 6.37 23.51
CA LEU B 78 -4.37 4.97 23.74
C LEU B 78 -4.66 4.59 25.19
N GLU B 79 -5.63 3.72 25.35
CA GLU B 79 -6.02 3.25 26.69
C GLU B 79 -4.98 2.27 27.20
N PRO B 80 -4.57 2.32 28.47
CA PRO B 80 -3.65 1.30 28.99
C PRO B 80 -4.32 -0.09 28.96
N VAL B 81 -3.53 -1.11 28.61
CA VAL B 81 -4.04 -2.51 28.47
C VAL B 81 -3.13 -3.43 29.26
N ASP B 82 -2.49 -2.93 30.37
CA ASP B 82 -1.75 -3.86 31.27
C ASP B 82 -2.65 -5.01 31.72
N ASP B 83 -3.92 -4.68 32.00
CA ASP B 83 -4.88 -5.66 32.50
C ASP B 83 -5.16 -6.77 31.52
N VAL B 84 -5.30 -6.43 30.23
CA VAL B 84 -5.48 -7.45 29.18
C VAL B 84 -4.24 -8.33 29.15
N LEU B 85 -3.05 -7.73 29.15
CA LEU B 85 -1.81 -8.51 29.02
C LEU B 85 -1.65 -9.44 30.22
N GLU B 86 -1.99 -9.02 31.43
CA GLU B 86 -1.86 -9.91 32.61
C GLU B 86 -2.79 -11.09 32.37
N ALA B 87 -4.02 -10.82 31.87
CA ALA B 87 -5.02 -11.86 31.63
C ALA B 87 -4.54 -12.90 30.64
N LEU B 88 -3.64 -12.51 29.74
CA LEU B 88 -3.11 -13.45 28.72
C LEU B 88 -1.84 -14.14 29.21
N GLY B 89 -1.37 -13.85 30.41
CA GLY B 89 -0.20 -14.48 31.00
C GLY B 89 0.94 -13.57 31.31
N GLY B 90 0.79 -12.28 31.00
CA GLY B 90 1.82 -11.30 31.30
C GLY B 90 3.05 -11.35 30.44
N GLU B 91 4.13 -10.74 30.91
CA GLU B 91 5.32 -10.48 30.09
C GLU B 91 5.87 -11.80 29.53
N LYS B 92 5.83 -12.84 30.34
CA LYS B 92 6.50 -14.10 29.99
C LYS B 92 5.64 -14.98 29.09
N ALA B 93 4.49 -14.50 28.65
CA ALA B 93 3.65 -15.12 27.61
C ALA B 93 4.18 -14.85 26.21
N TYR B 94 5.16 -13.95 26.06
CA TYR B 94 5.60 -13.38 24.80
C TYR B 94 7.10 -13.46 24.70
N LEU B 95 7.58 -13.54 23.49
CA LEU B 95 9.03 -13.29 23.24
C LEU B 95 9.34 -11.90 23.73
N PRO B 96 10.53 -11.72 24.30
CA PRO B 96 10.97 -10.39 24.70
C PRO B 96 10.85 -9.35 23.59
N ALA B 97 11.17 -9.71 22.36
CA ALA B 97 11.10 -8.77 21.23
C ALA B 97 9.70 -8.30 21.02
N VAL B 98 8.73 -9.23 21.18
CA VAL B 98 7.31 -8.89 20.97
C VAL B 98 6.79 -8.07 22.15
N TRP B 99 7.21 -8.40 23.36
CA TRP B 99 6.83 -7.61 24.55
C TRP B 99 7.29 -6.18 24.44
N ARG B 100 8.45 -5.95 23.83
CA ARG B 100 8.97 -4.54 23.64
C ARG B 100 7.94 -3.68 22.86
N THR B 101 7.07 -4.29 22.09
CA THR B 101 6.17 -3.59 21.17
C THR B 101 4.85 -3.24 21.85
N THR B 102 4.71 -3.57 23.13
CA THR B 102 3.44 -3.34 23.82
C THR B 102 3.40 -1.88 24.35
N ARG B 103 4.45 -1.08 24.24
CA ARG B 103 4.41 0.26 24.83
C ARG B 103 5.42 1.14 24.14
N LEU B 104 5.29 2.42 24.33
CA LEU B 104 6.33 3.40 23.99
C LEU B 104 7.55 3.04 24.80
N GLU B 105 8.74 3.09 24.20
CA GLU B 105 9.99 2.72 24.88
C GLU B 105 10.12 3.52 26.17
N GLY B 106 10.32 2.79 27.22
CA GLY B 106 10.54 3.28 28.57
C GLY B 106 9.26 3.54 29.34
N ALA B 107 8.09 3.41 28.71
CA ALA B 107 6.81 3.83 29.32
C ALA B 107 6.42 2.81 30.39
N ARG B 108 5.66 3.26 31.40
CA ARG B 108 5.25 2.38 32.49
C ARG B 108 4.09 1.46 32.07
N GLN B 109 3.13 1.97 31.30
CA GLN B 109 1.90 1.19 31.03
C GLN B 109 1.94 0.67 29.61
N ALA B 110 1.42 -0.49 29.38
CA ALA B 110 1.20 -1.04 28.02
C ALA B 110 0.04 -0.30 27.33
N THR B 111 0.21 -0.03 26.04
CA THR B 111 -0.80 0.58 25.22
C THR B 111 -1.12 -0.28 23.98
N ALA B 112 -0.49 -1.43 23.82
CA ALA B 112 -0.84 -2.28 22.67
C ALA B 112 -0.75 -3.75 23.03
N VAL B 113 -1.64 -4.56 22.50
CA VAL B 113 -1.73 -5.98 22.69
C VAL B 113 -1.18 -6.69 21.46
N PRO B 114 -0.17 -7.55 21.62
CA PRO B 114 0.40 -8.25 20.46
C PRO B 114 -0.66 -9.09 19.76
N TRP B 115 -0.67 -8.99 18.43
CA TRP B 115 -1.71 -9.71 17.63
C TRP B 115 -1.06 -10.78 16.81
N PHE B 116 -0.13 -10.49 15.93
CA PHE B 116 0.59 -11.53 15.17
C PHE B 116 1.95 -10.97 14.84
N SER B 117 2.88 -11.90 14.62
CA SER B 117 4.28 -11.56 14.34
C SER B 117 4.64 -11.91 12.87
N GLU B 118 5.30 -10.93 12.22
CA GLU B 118 6.06 -11.10 10.96
C GLU B 118 7.50 -11.41 11.36
N LEU B 119 8.06 -12.47 10.84
CA LEU B 119 9.52 -12.72 11.02
C LEU B 119 10.02 -13.25 9.71
N ARG B 120 11.31 -13.07 9.46
CA ARG B 120 11.90 -13.56 8.18
C ARG B 120 12.92 -14.66 8.46
N ALA B 121 12.87 -15.66 7.61
CA ALA B 121 13.87 -16.74 7.53
C ALA B 121 14.20 -16.95 6.04
N PHE B 122 15.21 -17.72 5.76
CA PHE B 122 15.59 -18.01 4.38
C PHE B 122 14.87 -19.20 3.84
N TYR B 123 14.15 -19.02 2.76
CA TYR B 123 13.66 -20.15 1.96
C TYR B 123 14.80 -20.53 1.05
N TYR B 124 14.89 -21.81 0.70
CA TYR B 124 15.93 -22.26 -0.23
C TYR B 124 15.35 -23.38 -1.06
N ARG B 125 15.88 -23.50 -2.29
CA ARG B 125 15.55 -24.60 -3.19
C ARG B 125 16.41 -25.82 -2.83
N THR B 126 15.79 -26.88 -2.34
CA THR B 126 16.53 -28.05 -1.90
C THR B 126 17.19 -28.74 -3.06
N ASP B 127 16.56 -28.72 -4.22
CA ASP B 127 17.12 -29.28 -5.46
C ASP B 127 18.35 -28.51 -5.90
N ALA B 128 18.29 -27.17 -5.91
CA ALA B 128 19.43 -26.32 -6.30
C ALA B 128 20.60 -26.55 -5.38
N LEU B 129 20.42 -26.53 -4.06
CA LEU B 129 21.53 -26.73 -3.15
C LEU B 129 22.13 -28.12 -3.35
N LYS B 130 21.30 -29.12 -3.49
CA LYS B 130 21.82 -30.51 -3.71
CA LYS B 130 21.84 -30.50 -3.69
C LYS B 130 22.68 -30.51 -4.97
N ALA B 131 22.17 -29.95 -6.08
CA ALA B 131 22.90 -29.93 -7.38
C ALA B 131 24.22 -29.16 -7.27
N ALA B 132 24.29 -28.09 -6.45
CA ALA B 132 25.49 -27.21 -6.26
C ALA B 132 26.45 -27.84 -5.26
N GLY B 133 26.06 -28.92 -4.64
CA GLY B 133 26.87 -29.58 -3.59
C GLY B 133 26.94 -28.79 -2.33
N VAL B 134 25.86 -28.11 -2.01
CA VAL B 134 25.80 -27.30 -0.79
C VAL B 134 25.00 -28.02 0.28
N ASN B 135 25.65 -28.21 1.41
CA ASN B 135 25.01 -28.72 2.63
C ASN B 135 24.20 -27.61 3.28
N PRO B 136 22.86 -27.66 3.33
CA PRO B 136 22.07 -26.56 3.88
C PRO B 136 22.51 -26.20 5.31
N ALA B 137 22.88 -27.20 6.11
CA ALA B 137 23.27 -26.86 7.49
C ALA B 137 24.50 -26.00 7.53
N GLU B 138 25.48 -26.29 6.67
CA GLU B 138 26.73 -25.49 6.71
C GLU B 138 26.45 -24.12 6.09
N MET B 139 25.57 -24.06 5.10
CA MET B 139 25.31 -22.78 4.39
C MET B 139 24.68 -21.79 5.40
N PHE B 140 23.89 -22.30 6.37
CA PHE B 140 23.10 -21.43 7.24
C PHE B 140 23.68 -21.55 8.66
N ALA B 141 24.91 -22.01 8.88
CA ALA B 141 25.55 -22.04 10.22
C ALA B 141 26.46 -20.83 10.46
N SER B 142 26.76 -20.05 9.45
CA SER B 142 27.77 -18.98 9.65
C SER B 142 27.66 -18.06 8.45
N TRP B 143 28.13 -16.86 8.59
CA TRP B 143 28.25 -15.94 7.43
C TRP B 143 29.24 -16.45 6.41
N GLN B 144 30.39 -17.01 6.82
CA GLN B 144 31.34 -17.52 5.81
CA GLN B 144 31.38 -17.57 5.88
C GLN B 144 30.69 -18.73 5.13
N GLY B 145 29.95 -19.59 5.84
CA GLY B 145 29.23 -20.69 5.18
C GLY B 145 28.18 -20.21 4.19
N PHE B 146 27.51 -19.12 4.56
CA PHE B 146 26.47 -18.53 3.74
C PHE B 146 27.09 -18.11 2.40
N GLU B 147 28.18 -17.34 2.49
CA GLU B 147 28.84 -16.85 1.26
C GLU B 147 29.44 -18.01 0.47
N ALA B 148 29.97 -19.02 1.14
CA ALA B 148 30.57 -20.17 0.46
C ALA B 148 29.46 -20.90 -0.30
N GLY B 149 28.29 -21.04 0.33
CA GLY B 149 27.16 -21.67 -0.35
C GLY B 149 26.75 -20.85 -1.57
N LEU B 150 26.72 -19.52 -1.48
CA LEU B 150 26.35 -18.69 -2.61
C LEU B 150 27.37 -18.87 -3.73
N ALA B 151 28.64 -18.99 -3.40
CA ALA B 151 29.71 -19.21 -4.39
C ALA B 151 29.47 -20.52 -5.14
N ARG B 152 29.09 -21.58 -4.46
CA ARG B 152 28.84 -22.87 -5.11
C ARG B 152 27.60 -22.73 -6.00
N LEU B 153 26.58 -22.03 -5.50
CA LEU B 153 25.31 -21.84 -6.25
C LEU B 153 25.58 -20.98 -7.48
N LYS B 154 26.51 -20.03 -7.43
CA LYS B 154 26.83 -19.20 -8.63
C LYS B 154 27.53 -20.09 -9.65
N ALA B 155 28.36 -21.02 -9.23
CA ALA B 155 29.17 -21.87 -10.14
C ALA B 155 28.34 -22.98 -10.74
N SER B 156 27.22 -23.36 -10.13
CA SER B 156 26.45 -24.54 -10.52
C SER B 156 25.85 -24.47 -11.91
N SER B 157 25.91 -25.61 -12.59
CA SER B 157 25.29 -25.73 -13.93
C SER B 157 23.82 -26.13 -13.80
N PHE B 158 23.26 -26.24 -12.58
CA PHE B 158 21.84 -26.59 -12.46
C PHE B 158 20.92 -25.61 -13.19
N ARG B 159 19.88 -26.13 -13.87
CA ARG B 159 18.84 -25.30 -14.50
C ARG B 159 17.53 -25.63 -13.80
N ASP B 160 16.69 -24.63 -13.61
CA ASP B 160 15.35 -24.89 -13.05
C ASP B 160 14.62 -25.73 -14.06
N PRO B 161 13.91 -26.78 -13.66
CA PRO B 161 13.31 -27.65 -14.67
C PRO B 161 12.31 -26.94 -15.58
N GLU B 162 11.66 -25.90 -15.09
CA GLU B 162 10.61 -25.16 -15.87
C GLU B 162 11.25 -24.04 -16.64
N THR B 163 12.09 -23.19 -16.02
CA THR B 163 12.63 -22.04 -16.76
C THR B 163 13.68 -22.49 -17.75
N LYS B 164 14.34 -23.62 -17.45
CA LYS B 164 15.55 -24.16 -18.13
CA LYS B 164 15.50 -24.09 -18.27
C LYS B 164 16.67 -23.11 -18.13
N ALA B 165 16.67 -22.27 -17.10
CA ALA B 165 17.75 -21.29 -16.91
C ALA B 165 18.39 -21.53 -15.53
N PRO B 166 19.59 -21.03 -15.30
CA PRO B 166 20.17 -21.00 -13.98
C PRO B 166 19.26 -20.24 -13.01
N LEU B 167 19.45 -20.54 -11.73
CA LEU B 167 18.83 -19.75 -10.66
C LEU B 167 19.87 -18.74 -10.14
N ALA B 168 19.38 -17.57 -9.81
CA ALA B 168 20.22 -16.62 -9.05
C ALA B 168 20.54 -17.23 -7.68
N PRO B 169 21.77 -17.08 -7.13
CA PRO B 169 22.07 -17.61 -5.81
C PRO B 169 21.17 -17.04 -4.72
N LEU B 170 21.04 -15.74 -4.74
CA LEU B 170 20.31 -15.02 -3.64
C LEU B 170 19.49 -13.94 -4.29
N CYS B 171 18.21 -13.90 -4.04
CA CYS B 171 17.39 -12.74 -4.42
C CYS B 171 17.05 -11.92 -3.17
N THR B 172 17.14 -10.60 -3.30
CA THR B 172 16.79 -9.66 -2.22
C THR B 172 16.43 -8.36 -2.91
N PRO B 173 15.44 -7.65 -2.39
CA PRO B 173 15.32 -6.26 -2.78
C PRO B 173 16.54 -5.49 -2.29
N GLY B 174 16.76 -4.35 -2.90
CA GLY B 174 17.69 -3.29 -2.54
C GLY B 174 16.93 -2.15 -1.87
N LYS B 175 16.83 -1.05 -2.58
CA LYS B 175 16.18 0.14 -1.98
C LYS B 175 14.70 0.35 -2.36
N ASN B 176 14.20 -0.40 -3.33
CA ASN B 176 12.84 -0.16 -3.89
C ASN B 176 11.87 -1.11 -3.20
N SER B 177 11.79 -1.07 -1.90
CA SER B 177 10.87 -1.97 -1.17
C SER B 177 10.48 -1.31 0.11
N TRP B 178 9.37 -1.70 0.70
CA TRP B 178 8.89 -1.07 1.94
C TRP B 178 9.79 -1.41 3.13
N ASP B 179 10.58 -2.46 3.03
CA ASP B 179 11.27 -3.15 4.13
C ASP B 179 12.78 -3.05 4.02
N VAL B 180 13.29 -2.01 3.38
CA VAL B 180 14.74 -1.80 3.22
C VAL B 180 15.47 -1.99 4.55
N LEU B 181 15.04 -1.33 5.62
CA LEU B 181 15.79 -1.45 6.87
C LEU B 181 15.62 -2.83 7.42
N HIS B 182 14.43 -3.41 7.33
CA HIS B 182 14.17 -4.73 7.93
C HIS B 182 15.05 -5.79 7.25
N ASN B 183 15.30 -5.62 5.97
CA ASN B 183 16.14 -6.62 5.23
C ASN B 183 17.60 -6.53 5.72
N ALA B 184 18.05 -5.32 6.09
CA ALA B 184 19.40 -5.09 6.57
C ALA B 184 19.58 -5.44 8.05
N ALA B 185 18.51 -5.25 8.82
CA ALA B 185 18.59 -5.34 10.29
C ALA B 185 19.29 -6.60 10.79
N PRO B 186 18.93 -7.83 10.33
CA PRO B 186 19.60 -9.01 10.89
C PRO B 186 21.13 -8.97 10.71
N TRP B 187 21.60 -8.35 9.62
CA TRP B 187 23.04 -8.29 9.32
C TRP B 187 23.68 -7.26 10.23
N ILE B 188 23.06 -6.09 10.42
CA ILE B 188 23.53 -5.12 11.40
C ILE B 188 23.66 -5.76 12.78
N TRP B 189 22.57 -6.42 13.18
CA TRP B 189 22.54 -7.05 14.52
C TRP B 189 23.50 -8.24 14.64
N GLY B 190 23.64 -9.08 13.65
CA GLY B 190 24.49 -10.28 13.73
C GLY B 190 25.97 -9.90 13.80
N ALA B 191 26.33 -8.67 13.30
CA ALA B 191 27.70 -8.17 13.40
C ALA B 191 27.94 -7.54 14.75
N GLY B 192 26.92 -7.44 15.60
CA GLY B 192 27.05 -6.83 16.89
C GLY B 192 26.61 -5.40 16.94
N GLY B 193 25.99 -4.91 15.88
CA GLY B 193 25.52 -3.55 15.77
C GLY B 193 24.09 -3.32 16.13
N GLU B 194 23.65 -2.09 15.87
CA GLU B 194 22.27 -1.69 16.08
C GLU B 194 21.93 -0.45 15.29
N ILE B 195 20.64 -0.15 15.12
CA ILE B 195 20.31 1.04 14.31
C ILE B 195 20.40 2.27 15.19
N VAL B 196 19.98 2.19 16.44
CA VAL B 196 20.08 3.31 17.41
C VAL B 196 20.59 2.75 18.75
N ARG B 197 21.15 3.63 19.56
CA ARG B 197 21.68 3.25 20.89
C ARG B 197 21.32 4.33 21.86
N GLN B 198 21.03 3.92 23.09
CA GLN B 198 20.62 4.92 24.11
C GLN B 198 21.88 5.27 24.89
N ALA B 199 22.20 6.55 25.04
CA ALA B 199 23.27 7.02 25.96
C ALA B 199 22.73 8.25 26.72
N GLY B 200 22.79 8.22 28.06
CA GLY B 200 22.15 9.31 28.76
C GLY B 200 20.66 9.16 28.55
N GLY B 201 19.97 10.24 28.32
CA GLY B 201 18.53 10.19 28.09
C GLY B 201 18.29 10.19 26.61
N ARG B 202 19.39 10.05 25.85
CA ARG B 202 19.39 10.35 24.42
C ARG B 202 19.49 9.02 23.68
N TRP B 203 18.58 8.82 22.76
CA TRP B 203 18.86 7.88 21.66
C TRP B 203 19.69 8.60 20.60
N GLN B 204 20.57 7.85 19.93
CA GLN B 204 21.36 8.39 18.84
C GLN B 204 21.48 7.28 17.80
N SER B 205 21.84 7.65 16.59
CA SER B 205 22.17 6.66 15.56
C SER B 205 23.36 5.80 15.99
N ALA B 206 23.29 4.52 15.68
CA ALA B 206 24.42 3.59 15.71
C ALA B 206 24.68 2.99 14.34
N LEU B 207 24.15 3.60 13.26
CA LEU B 207 24.33 3.06 11.89
C LEU B 207 25.75 3.21 11.38
N ASN B 208 26.47 4.15 11.96
CA ASN B 208 27.92 4.41 11.64
C ASN B 208 28.83 3.77 12.69
N SER B 209 28.28 2.92 13.53
CA SER B 209 29.12 2.20 14.53
C SER B 209 29.98 1.20 13.79
N PRO B 210 31.14 0.79 14.34
CA PRO B 210 31.94 -0.20 13.60
C PRO B 210 31.23 -1.49 13.25
N GLU B 211 30.45 -1.97 14.22
CA GLU B 211 29.76 -3.26 14.04
C GLU B 211 28.65 -3.11 13.04
N SER B 212 27.88 -2.02 13.07
CA SER B 212 26.81 -1.83 12.10
C SER B 212 27.42 -1.77 10.72
N LEU B 213 28.50 -1.07 10.52
CA LEU B 213 29.17 -0.93 9.21
C LEU B 213 29.61 -2.33 8.74
N GLU B 214 30.17 -3.15 9.61
CA GLU B 214 30.67 -4.48 9.22
C GLU B 214 29.46 -5.26 8.69
N GLY B 215 28.35 -5.29 9.42
CA GLY B 215 27.19 -6.10 9.03
C GLY B 215 26.58 -5.57 7.74
N LEU B 216 26.40 -4.25 7.60
CA LEU B 216 25.82 -3.71 6.36
C LEU B 216 26.75 -4.01 5.18
N TYR B 217 28.07 -3.85 5.34
CA TYR B 217 28.95 -4.11 4.18
C TYR B 217 28.88 -5.58 3.77
N PHE B 218 28.87 -6.48 4.76
CA PHE B 218 28.77 -7.93 4.46
C PHE B 218 27.59 -8.17 3.53
N PHE B 219 26.43 -7.70 3.95
CA PHE B 219 25.16 -7.95 3.19
C PHE B 219 25.17 -7.28 1.83
N LEU B 220 25.42 -5.98 1.80
CA LEU B 220 25.36 -5.23 0.55
C LEU B 220 26.46 -5.77 -0.38
N SER B 221 27.60 -6.19 0.09
CA SER B 221 28.69 -6.64 -0.81
C SER B 221 28.31 -7.97 -1.49
N LEU B 222 27.39 -8.75 -0.95
CA LEU B 222 26.98 -10.01 -1.66
C LEU B 222 26.37 -9.63 -3.00
N ALA B 223 25.64 -8.52 -3.08
CA ALA B 223 25.05 -8.09 -4.33
C ALA B 223 26.15 -7.59 -5.27
N GLN B 224 27.21 -6.97 -4.77
CA GLN B 224 28.27 -6.45 -5.63
C GLN B 224 29.12 -7.62 -6.12
N LYS B 225 29.12 -8.78 -5.41
CA LYS B 225 29.88 -9.99 -5.83
C LYS B 225 29.23 -10.90 -6.88
N GLY B 226 28.03 -10.60 -7.33
CA GLY B 226 27.43 -11.38 -8.40
C GLY B 226 26.39 -12.36 -7.90
N TYR B 227 26.16 -12.41 -6.60
CA TYR B 227 25.24 -13.43 -6.02
C TYR B 227 23.79 -13.02 -6.24
N VAL B 228 23.53 -11.72 -6.41
CA VAL B 228 22.16 -11.16 -6.48
C VAL B 228 21.98 -10.55 -7.84
N PRO B 229 20.91 -10.86 -8.57
CA PRO B 229 20.73 -10.31 -9.90
C PRO B 229 20.50 -8.82 -9.81
N ALA B 230 21.02 -8.12 -10.80
CA ALA B 230 20.72 -6.67 -10.90
C ALA B 230 19.23 -6.42 -10.88
N GLU B 231 18.45 -7.27 -11.55
CA GLU B 231 16.98 -7.13 -11.66
C GLU B 231 16.36 -7.10 -10.26
N SER B 232 16.89 -7.86 -9.32
CA SER B 232 16.32 -7.96 -7.95
C SER B 232 16.38 -6.58 -7.31
N LEU B 233 17.45 -5.84 -7.52
CA LEU B 233 17.69 -4.57 -6.85
C LEU B 233 16.68 -3.53 -7.34
N GLU B 234 15.96 -3.78 -8.42
CA GLU B 234 14.91 -2.85 -8.91
C GLU B 234 13.59 -3.14 -8.25
N LYS B 235 13.43 -4.27 -7.58
CA LYS B 235 12.11 -4.84 -7.20
C LYS B 235 11.83 -4.77 -5.71
N ASN B 236 10.56 -4.93 -5.37
CA ASN B 236 10.14 -4.99 -3.98
C ASN B 236 10.00 -6.47 -3.51
N THR B 237 9.72 -6.67 -2.20
CA THR B 237 9.66 -7.99 -1.61
C THR B 237 8.62 -8.86 -2.33
N ALA B 238 7.47 -8.32 -2.68
CA ALA B 238 6.42 -9.15 -3.31
C ALA B 238 6.91 -9.64 -4.67
N GLN B 239 7.61 -8.78 -5.37
CA GLN B 239 8.11 -9.14 -6.71
C GLN B 239 9.13 -10.23 -6.54
N ILE B 240 10.00 -10.11 -5.56
CA ILE B 240 11.02 -11.14 -5.29
C ILE B 240 10.36 -12.47 -4.93
N GLU B 241 9.29 -12.45 -4.14
CA GLU B 241 8.52 -13.67 -3.81
C GLU B 241 8.07 -14.30 -5.12
N ALA B 242 7.51 -13.49 -6.02
CA ALA B 242 7.07 -14.02 -7.33
C ALA B 242 8.21 -14.64 -8.10
N ASP B 243 9.37 -14.01 -8.10
CA ASP B 243 10.54 -14.54 -8.79
C ASP B 243 10.94 -15.88 -8.21
N PHE B 244 10.96 -16.01 -6.86
CA PHE B 244 11.25 -17.33 -6.24
C PHE B 244 10.21 -18.38 -6.66
N GLN B 245 8.94 -18.02 -6.65
CA GLN B 245 7.83 -18.96 -7.07
C GLN B 245 8.09 -19.39 -8.49
N ALA B 246 8.56 -18.47 -9.36
CA ALA B 246 8.76 -18.74 -10.78
C ALA B 246 10.10 -19.38 -11.09
N GLY B 247 10.86 -19.87 -10.10
CA GLY B 247 12.07 -20.67 -10.31
C GLY B 247 13.27 -19.86 -10.69
N LYS B 248 13.32 -18.59 -10.28
CA LYS B 248 14.45 -17.70 -10.66
C LYS B 248 15.52 -17.56 -9.59
N CYS B 249 15.23 -18.02 -8.37
CA CYS B 249 16.02 -17.69 -7.14
CA CYS B 249 15.98 -17.70 -7.14
C CYS B 249 16.28 -18.97 -6.32
N ALA B 250 17.53 -19.24 -5.97
CA ALA B 250 17.82 -20.42 -5.10
C ALA B 250 17.50 -20.14 -3.63
N VAL B 251 17.70 -18.91 -3.19
CA VAL B 251 17.60 -18.53 -1.78
C VAL B 251 16.94 -17.16 -1.69
N PHE B 252 16.00 -16.99 -0.74
CA PHE B 252 15.52 -15.63 -0.48
C PHE B 252 14.88 -15.64 0.87
N ALA B 253 14.82 -14.45 1.49
CA ALA B 253 14.21 -14.32 2.83
C ALA B 253 12.76 -13.92 2.72
N SER B 254 11.91 -14.57 3.51
CA SER B 254 10.52 -14.12 3.63
C SER B 254 9.91 -14.72 4.85
N GLY B 255 8.62 -14.47 4.95
CA GLY B 255 7.87 -14.92 6.14
C GLY B 255 7.14 -16.24 5.94
N PRO B 256 6.40 -16.71 6.97
CA PRO B 256 5.82 -18.02 6.95
C PRO B 256 4.71 -18.22 5.93
N TRP B 257 4.21 -17.14 5.33
CA TRP B 257 3.05 -17.19 4.41
C TRP B 257 3.40 -17.95 3.18
N MET B 258 4.68 -18.02 2.84
CA MET B 258 5.05 -18.73 1.60
C MET B 258 4.71 -20.21 1.72
N ILE B 259 4.80 -20.78 2.93
CA ILE B 259 4.49 -22.22 3.15
C ILE B 259 3.04 -22.50 2.72
N GLN B 260 2.13 -21.66 3.11
CA GLN B 260 0.72 -21.84 2.64
C GLN B 260 0.61 -21.61 1.17
N ARG B 261 1.27 -20.61 0.63
CA ARG B 261 1.16 -20.30 -0.79
C ARG B 261 1.61 -21.50 -1.61
N ALA B 262 2.59 -22.28 -1.13
CA ALA B 262 3.17 -23.42 -1.88
C ALA B 262 2.15 -24.55 -1.98
N GLN B 263 1.07 -24.46 -1.20
CA GLN B 263 0.07 -25.58 -1.08
C GLN B 263 -1.17 -25.19 -1.89
N VAL B 264 -1.22 -24.01 -2.43
CA VAL B 264 -2.38 -23.41 -3.14
C VAL B 264 -2.08 -23.36 -4.63
N PRO B 265 -3.03 -23.78 -5.49
CA PRO B 265 -2.82 -23.67 -6.94
C PRO B 265 -2.66 -22.21 -7.36
N GLU B 266 -1.93 -22.00 -8.45
CA GLU B 266 -1.70 -20.67 -9.06
C GLU B 266 -3.05 -20.01 -9.38
N ALA B 267 -3.98 -20.81 -9.89
CA ALA B 267 -5.36 -20.41 -10.27
C ALA B 267 -6.08 -19.84 -9.03
N LYS B 268 -5.56 -20.07 -7.82
CA LYS B 268 -6.13 -19.54 -6.56
C LYS B 268 -5.12 -18.62 -5.87
N GLY B 269 -4.08 -18.16 -6.56
CA GLY B 269 -3.09 -17.20 -6.04
C GLY B 269 -1.82 -17.81 -5.39
N GLY B 270 -1.66 -19.14 -5.34
CA GLY B 270 -0.45 -19.81 -4.80
C GLY B 270 0.55 -20.20 -5.87
N PHE B 271 1.40 -21.18 -5.59
CA PHE B 271 2.39 -21.67 -6.59
C PHE B 271 2.57 -23.16 -6.51
N ALA B 272 1.54 -23.93 -6.12
CA ALA B 272 1.69 -25.39 -5.91
C ALA B 272 2.13 -26.13 -7.18
N GLU B 273 1.82 -25.61 -8.37
CA GLU B 273 2.23 -26.23 -9.66
C GLU B 273 3.70 -25.98 -9.97
N ARG B 274 4.39 -25.06 -9.29
CA ARG B 274 5.76 -24.71 -9.67
C ARG B 274 6.78 -25.60 -8.98
N THR B 275 7.92 -25.80 -9.62
CA THR B 275 9.00 -26.61 -9.04
C THR B 275 9.37 -26.16 -7.62
N ALA B 276 9.43 -24.89 -7.38
CA ALA B 276 9.86 -24.42 -6.06
C ALA B 276 8.95 -24.94 -4.94
N ALA B 277 7.64 -25.08 -5.18
CA ALA B 277 6.71 -25.54 -4.12
C ALA B 277 7.06 -26.93 -3.69
N LYS B 278 7.59 -27.75 -4.60
CA LYS B 278 7.95 -29.17 -4.42
CA LYS B 278 7.90 -29.15 -4.25
C LYS B 278 9.37 -29.34 -3.90
N ASN B 279 10.13 -28.24 -3.72
CA ASN B 279 11.57 -28.30 -3.34
C ASN B 279 11.88 -27.19 -2.36
N LEU B 280 11.05 -27.09 -1.35
CA LEU B 280 11.09 -25.91 -0.46
C LEU B 280 11.77 -26.30 0.84
N GLY B 281 12.83 -25.57 1.18
CA GLY B 281 13.49 -25.63 2.47
C GLY B 281 13.43 -24.28 3.17
N VAL B 282 13.63 -24.31 4.50
CA VAL B 282 13.62 -23.06 5.30
C VAL B 282 14.75 -23.25 6.30
N ALA B 283 15.52 -22.16 6.52
CA ALA B 283 16.56 -22.07 7.57
C ALA B 283 16.53 -20.67 8.17
N PRO B 284 16.71 -20.53 9.48
CA PRO B 284 16.83 -19.20 10.05
C PRO B 284 18.03 -18.45 9.45
N TYR B 285 18.08 -17.13 9.62
CA TYR B 285 19.29 -16.37 9.28
C TYR B 285 20.50 -17.05 9.91
N PRO B 286 21.62 -17.03 9.20
CA PRO B 286 22.83 -17.69 9.70
C PRO B 286 23.43 -16.94 10.89
N ALA B 287 24.03 -17.67 11.79
CA ALA B 287 24.69 -17.06 12.93
C ALA B 287 25.75 -16.06 12.46
N GLY B 288 25.70 -14.86 12.99
CA GLY B 288 26.72 -13.86 12.74
C GLY B 288 27.90 -14.03 13.69
N PRO B 289 28.93 -13.19 13.52
CA PRO B 289 30.11 -13.30 14.37
C PRO B 289 29.84 -12.84 15.80
N LYS B 290 28.84 -11.99 15.96
CA LYS B 290 28.52 -11.34 17.24
C LYS B 290 27.05 -11.49 17.58
N GLY B 291 26.43 -12.60 17.18
CA GLY B 291 25.08 -12.93 17.58
C GLY B 291 24.28 -13.43 16.39
N ARG B 292 23.04 -13.85 16.63
CA ARG B 292 22.18 -14.46 15.62
C ARG B 292 20.81 -13.90 15.91
N TYR B 293 20.25 -13.18 14.93
CA TYR B 293 19.01 -12.42 15.15
C TYR B 293 18.10 -12.56 13.93
N THR B 294 16.79 -12.62 14.23
CA THR B 294 15.70 -12.67 13.29
C THR B 294 14.89 -11.40 13.45
N PHE B 295 14.69 -10.71 12.31
CA PHE B 295 13.80 -9.52 12.28
C PHE B 295 12.37 -9.93 12.69
N PHE B 296 11.84 -9.20 13.65
CA PHE B 296 10.39 -9.25 13.97
C PHE B 296 9.74 -7.90 13.70
N GLY B 297 8.55 -8.05 13.14
CA GLY B 297 7.56 -6.98 13.02
C GLY B 297 6.18 -7.60 13.17
N GLY B 298 5.27 -7.09 12.43
CA GLY B 298 3.87 -7.55 12.53
C GLY B 298 3.00 -6.44 13.02
N SER B 299 1.94 -6.84 13.69
CA SER B 299 0.88 -5.94 14.17
C SER B 299 0.39 -6.32 15.55
N ASN B 300 -0.03 -5.23 16.22
CA ASN B 300 -0.70 -5.21 17.51
C ASN B 300 -2.08 -4.60 17.36
N LEU B 301 -2.83 -4.67 18.48
CA LEU B 301 -4.14 -4.03 18.60
C LEU B 301 -4.08 -3.02 19.69
N ALA B 302 -4.80 -1.89 19.52
CA ALA B 302 -4.88 -0.86 20.54
C ALA B 302 -6.31 -0.41 20.69
N LEU B 303 -6.60 0.16 21.83
CA LEU B 303 -7.92 0.68 22.24
C LEU B 303 -7.86 2.19 22.38
N PHE B 304 -8.64 2.93 21.57
CA PHE B 304 -8.62 4.39 21.68
C PHE B 304 -9.24 4.82 23.01
N ASN B 305 -8.66 5.80 23.67
CA ASN B 305 -9.16 6.26 24.99
C ASN B 305 -10.47 7.00 24.91
N PHE B 306 -10.95 7.33 23.72
CA PHE B 306 -12.26 7.96 23.52
C PHE B 306 -13.32 6.90 23.28
N SER B 307 -12.98 5.59 23.25
CA SER B 307 -14.03 4.55 23.16
C SER B 307 -15.05 4.68 24.28
N LYS B 308 -16.33 4.44 23.93
CA LYS B 308 -17.39 4.41 24.96
C LYS B 308 -17.65 2.95 25.39
N ASN B 309 -16.85 1.99 24.99
CA ASN B 309 -17.10 0.55 25.21
C ASN B 309 -15.77 -0.04 25.72
N LYS B 310 -15.01 0.61 26.57
CA LYS B 310 -13.70 0.09 26.97
C LYS B 310 -13.75 -1.29 27.62
N PRO B 311 -14.66 -1.61 28.54
CA PRO B 311 -14.67 -2.97 29.12
C PRO B 311 -14.93 -4.08 28.06
N LEU B 312 -15.91 -3.87 27.21
CA LEU B 312 -16.21 -4.87 26.17
C LEU B 312 -15.05 -4.92 25.19
N ALA B 313 -14.44 -3.77 24.83
CA ALA B 313 -13.34 -3.77 23.86
C ALA B 313 -12.17 -4.53 24.48
N LYS B 314 -11.94 -4.42 25.78
CA LYS B 314 -10.86 -5.18 26.42
C LYS B 314 -11.17 -6.68 26.40
N GLU B 315 -12.42 -7.08 26.57
CA GLU B 315 -12.78 -8.50 26.39
CA GLU B 315 -12.81 -8.50 26.39
C GLU B 315 -12.45 -8.94 24.96
N LEU B 316 -12.73 -8.11 23.98
CA LEU B 316 -12.36 -8.47 22.60
C LEU B 316 -10.84 -8.57 22.41
N LEU B 317 -10.06 -7.69 23.04
CA LEU B 317 -8.59 -7.76 22.95
C LEU B 317 -8.14 -9.06 23.59
N LYS B 318 -8.72 -9.46 24.71
CA LYS B 318 -8.33 -10.70 25.41
CA LYS B 318 -8.32 -10.69 25.41
C LYS B 318 -8.63 -11.86 24.47
N TYR B 319 -9.77 -11.83 23.80
CA TYR B 319 -10.17 -12.92 22.87
C TYR B 319 -9.18 -12.96 21.72
N LEU B 320 -8.95 -11.85 21.04
CA LEU B 320 -8.03 -11.82 19.86
C LEU B 320 -6.59 -12.16 20.29
N GLY B 321 -6.23 -11.77 21.49
CA GLY B 321 -4.89 -12.05 22.02
C GLY B 321 -4.72 -13.48 22.51
N GLY B 322 -5.80 -14.26 22.67
CA GLY B 322 -5.74 -15.54 23.36
C GLY B 322 -5.62 -16.72 22.44
N PRO B 323 -5.41 -17.92 23.03
CA PRO B 323 -4.88 -19.07 22.24
C PRO B 323 -5.70 -19.45 21.03
N GLU B 324 -7.02 -19.60 21.14
CA GLU B 324 -7.78 -20.12 19.98
CA GLU B 324 -7.84 -20.10 20.00
C GLU B 324 -7.72 -19.11 18.83
N ALA B 325 -7.96 -17.82 19.10
CA ALA B 325 -7.96 -16.83 18.02
C ALA B 325 -6.55 -16.63 17.50
N GLN B 326 -5.54 -16.80 18.36
CA GLN B 326 -4.15 -16.62 17.93
C GLN B 326 -3.84 -17.69 16.90
N VAL B 327 -4.19 -18.95 17.16
CA VAL B 327 -3.90 -20.03 16.18
C VAL B 327 -4.68 -19.70 14.89
N ARG B 328 -5.95 -19.39 15.02
CA ARG B 328 -6.83 -19.23 13.84
C ARG B 328 -6.31 -18.07 12.98
N TYR B 329 -5.99 -16.94 13.59
CA TYR B 329 -5.59 -15.78 12.80
C TYR B 329 -4.20 -15.93 12.21
N ALA B 330 -3.28 -16.52 12.94
CA ALA B 330 -1.92 -16.74 12.42
C ALA B 330 -2.08 -17.60 11.19
N GLN B 331 -2.96 -18.56 11.12
CA GLN B 331 -3.12 -19.39 9.91
C GLN B 331 -3.76 -18.55 8.79
N MET B 332 -4.74 -17.74 9.12
CA MET B 332 -5.40 -16.94 8.06
C MET B 332 -4.36 -16.02 7.43
N THR B 333 -3.48 -15.45 8.18
CA THR B 333 -2.52 -14.38 7.74
C THR B 333 -1.19 -15.02 7.24
N GLY B 334 -0.96 -16.30 7.55
CA GLY B 334 0.39 -16.86 7.28
C GLY B 334 1.48 -16.30 8.16
N MET B 335 1.09 -15.84 9.35
CA MET B 335 2.04 -15.21 10.26
C MET B 335 2.33 -16.15 11.43
N LEU B 336 3.19 -15.77 12.32
CA LEU B 336 3.38 -16.55 13.57
C LEU B 336 2.52 -15.91 14.66
N PRO B 337 1.90 -16.68 15.53
CA PRO B 337 1.19 -16.12 16.67
C PRO B 337 2.11 -15.28 17.52
N ALA B 338 1.57 -14.19 18.06
CA ALA B 338 2.27 -13.39 19.05
C ALA B 338 2.29 -14.11 20.38
N LEU B 339 1.26 -14.87 20.73
CA LEU B 339 1.18 -15.53 22.06
C LEU B 339 1.91 -16.86 21.92
N ARG B 340 3.00 -17.03 22.68
CA ARG B 340 3.84 -18.23 22.49
C ARG B 340 3.13 -19.52 22.73
N SER B 341 2.15 -19.54 23.61
CA SER B 341 1.46 -20.83 23.91
C SER B 341 0.81 -21.39 22.64
N ALA B 342 0.43 -20.54 21.69
CA ALA B 342 -0.23 -20.99 20.43
C ALA B 342 0.74 -21.75 19.52
N TRP B 343 2.06 -21.64 19.72
CA TRP B 343 3.03 -22.29 18.86
C TRP B 343 2.96 -23.79 18.98
N SER B 344 2.41 -24.35 20.03
CA SER B 344 2.30 -25.81 20.14
C SER B 344 1.15 -26.41 19.34
N ASP B 345 0.32 -25.56 18.74
CA ASP B 345 -0.81 -26.10 17.98
C ASP B 345 -0.36 -27.09 16.94
N PRO B 346 -1.08 -28.21 16.70
CA PRO B 346 -0.70 -29.10 15.60
C PRO B 346 -0.57 -28.45 14.22
N SER B 347 -1.33 -27.37 13.97
CA SER B 347 -1.27 -26.70 12.68
C SER B 347 0.14 -26.16 12.43
N PHE B 348 0.92 -25.89 13.48
CA PHE B 348 2.34 -25.54 13.35
C PHE B 348 3.24 -26.76 13.51
N GLN B 349 2.98 -27.60 14.51
CA GLN B 349 3.92 -28.65 14.87
C GLN B 349 3.94 -29.80 13.86
N GLN B 350 2.87 -29.96 13.11
CA GLN B 350 2.84 -31.05 12.10
C GLN B 350 3.57 -30.59 10.85
N ASN B 351 4.08 -29.34 10.72
CA ASN B 351 4.72 -28.84 9.50
C ASN B 351 6.18 -28.51 9.82
N PRO B 352 7.16 -29.26 9.32
CA PRO B 352 8.59 -29.03 9.60
C PRO B 352 9.02 -27.62 9.21
N LEU B 353 8.40 -27.05 8.17
CA LEU B 353 8.86 -25.69 7.78
C LEU B 353 8.37 -24.69 8.80
N LEU B 354 7.18 -24.85 9.33
CA LEU B 354 6.71 -23.90 10.37
C LEU B 354 7.48 -24.14 11.64
N ARG B 355 7.88 -25.38 11.96
CA ARG B 355 8.72 -25.58 13.14
C ARG B 355 10.03 -24.83 12.97
N THR B 356 10.57 -24.78 11.76
CA THR B 356 11.85 -24.01 11.52
C THR B 356 11.61 -22.52 11.76
N PHE B 357 10.46 -22.01 11.37
CA PHE B 357 10.12 -20.64 11.72
C PHE B 357 10.07 -20.45 13.23
N ILE B 358 9.53 -21.38 13.99
CA ILE B 358 9.50 -21.27 15.45
C ILE B 358 10.95 -21.31 15.98
N GLN B 359 11.83 -22.13 15.40
CA GLN B 359 13.27 -22.06 15.79
CA GLN B 359 13.25 -22.05 15.80
C GLN B 359 13.77 -20.61 15.56
N ALA B 360 13.50 -20.07 14.40
CA ALA B 360 13.94 -18.71 14.00
C ALA B 360 13.44 -17.71 15.01
N ALA B 361 12.26 -17.94 15.57
CA ALA B 361 11.63 -16.95 16.50
C ALA B 361 12.45 -16.75 17.74
N GLN B 362 13.19 -17.79 18.22
CA GLN B 362 14.00 -17.72 19.44
C GLN B 362 15.03 -16.61 19.28
N PHE B 363 15.43 -16.27 18.07
CA PHE B 363 16.43 -15.19 17.82
C PHE B 363 15.81 -13.83 17.58
N GLY B 364 14.48 -13.71 17.84
CA GLY B 364 13.77 -12.52 17.41
C GLY B 364 14.26 -11.25 18.08
N ARG B 365 14.20 -10.18 17.31
CA ARG B 365 14.63 -8.82 17.73
C ARG B 365 13.81 -7.78 16.97
N THR B 366 13.44 -6.73 17.67
CA THR B 366 12.67 -5.62 17.17
C THR B 366 13.46 -4.34 17.40
N TYR B 367 13.02 -3.30 16.70
CA TYR B 367 13.53 -1.96 16.94
C TYR B 367 13.01 -1.46 18.30
N PRO B 368 13.74 -0.51 18.91
CA PRO B 368 13.18 0.21 20.06
C PRO B 368 11.90 0.90 19.63
N SER B 369 10.95 0.98 20.58
CA SER B 369 9.58 1.51 20.35
CA SER B 369 9.59 1.49 20.37
C SER B 369 9.56 3.01 20.53
N LEU B 370 10.38 3.70 19.76
CA LEU B 370 10.51 5.16 19.83
C LEU B 370 9.35 5.91 19.26
N ALA B 371 8.99 7.03 19.89
CA ALA B 371 7.93 7.89 19.36
C ALA B 371 8.31 8.37 17.96
N GLY B 372 9.58 8.67 17.73
CA GLY B 372 10.06 9.17 16.41
C GLY B 372 10.62 8.07 15.51
N TRP B 373 10.26 6.81 15.78
CA TRP B 373 10.83 5.69 15.00
C TRP B 373 10.70 5.94 13.50
N GLY B 374 9.51 6.33 13.04
CA GLY B 374 9.35 6.39 11.55
C GLY B 374 10.34 7.35 10.94
N GLY B 375 10.65 8.43 11.57
CA GLY B 375 11.64 9.37 11.03
C GLY B 375 13.04 8.77 11.02
N VAL B 376 13.39 8.01 12.06
CA VAL B 376 14.69 7.33 12.14
C VAL B 376 14.78 6.39 10.97
N GLU B 377 13.76 5.53 10.79
CA GLU B 377 13.80 4.50 9.75
C GLU B 377 13.86 5.19 8.37
N ASN B 378 13.04 6.22 8.19
CA ASN B 378 13.00 6.93 6.89
C ASN B 378 14.38 7.51 6.54
N LEU B 379 14.99 8.15 7.51
CA LEU B 379 16.30 8.69 7.24
C LEU B 379 17.35 7.65 7.03
N ALA B 380 17.30 6.59 7.80
CA ALA B 380 18.20 5.44 7.61
C ALA B 380 18.06 4.86 6.19
N VAL B 381 16.83 4.72 5.75
CA VAL B 381 16.52 4.09 4.45
C VAL B 381 16.94 5.00 3.31
N GLN B 382 16.82 6.29 3.43
CA GLN B 382 17.29 7.25 2.39
C GLN B 382 18.77 6.93 2.13
N HIS B 383 19.53 6.81 3.21
CA HIS B 383 21.01 6.66 3.08
C HIS B 383 21.40 5.24 2.70
N LEU B 384 20.68 4.20 3.19
CA LEU B 384 20.90 2.82 2.73
C LEU B 384 20.58 2.77 1.23
N GLY B 385 19.60 3.54 0.77
CA GLY B 385 19.32 3.52 -0.68
C GLY B 385 20.46 4.06 -1.49
N MET B 386 21.11 5.08 -1.02
CA MET B 386 22.33 5.59 -1.66
C MET B 386 23.44 4.51 -1.66
N ALA B 387 23.58 3.70 -0.64
CA ALA B 387 24.53 2.58 -0.62
C ALA B 387 24.14 1.53 -1.64
N TRP B 388 22.84 1.24 -1.74
CA TRP B 388 22.35 0.28 -2.77
C TRP B 388 22.68 0.82 -4.17
N ASP B 389 22.59 2.10 -4.36
CA ASP B 389 22.92 2.64 -5.69
C ASP B 389 24.41 2.43 -5.98
N LEU B 390 25.28 2.57 -4.98
CA LEU B 390 26.72 2.26 -5.23
C LEU B 390 26.87 0.77 -5.52
N VAL B 391 26.18 -0.11 -4.82
CA VAL B 391 26.23 -1.55 -5.13
C VAL B 391 25.88 -1.84 -6.57
N ALA B 392 24.82 -1.20 -7.05
CA ALA B 392 24.34 -1.44 -8.44
C ALA B 392 25.42 -1.04 -9.46
N GLN B 393 26.33 -0.18 -9.12
CA GLN B 393 27.46 0.21 -10.01
C GLN B 393 28.72 -0.53 -9.68
N GLY B 394 28.72 -1.39 -8.67
CA GLY B 394 29.97 -2.03 -8.22
C GLY B 394 30.90 -1.10 -7.51
N ARG B 395 30.41 0.01 -6.95
CA ARG B 395 31.21 1.08 -6.35
C ARG B 395 31.07 1.14 -4.83
N LEU B 396 30.43 0.16 -4.18
CA LEU B 396 30.38 0.28 -2.69
C LEU B 396 31.68 -0.22 -2.07
N THR B 397 32.36 0.67 -1.38
CA THR B 397 33.57 0.40 -0.56
C THR B 397 33.20 0.63 0.90
N ARG B 398 33.96 0.06 1.79
CA ARG B 398 33.77 0.29 3.20
C ARG B 398 33.82 1.77 3.49
N GLU B 399 34.78 2.47 2.92
CA GLU B 399 34.95 3.88 3.16
C GLU B 399 33.72 4.66 2.69
N ALA B 400 33.15 4.34 1.52
CA ALA B 400 31.99 5.04 0.97
C ALA B 400 30.76 4.77 1.86
N LEU B 401 30.63 3.53 2.31
CA LEU B 401 29.49 3.20 3.21
C LEU B 401 29.63 3.98 4.53
N LYS B 402 30.80 4.06 5.10
CA LYS B 402 31.06 4.86 6.33
C LYS B 402 30.59 6.30 6.09
N ASP B 403 31.01 6.93 4.97
CA ASP B 403 30.62 8.33 4.76
C ASP B 403 29.10 8.44 4.67
N LEU B 404 28.41 7.51 4.01
CA LEU B 404 26.98 7.59 3.88
C LEU B 404 26.29 7.41 5.25
N MET B 405 26.79 6.46 6.07
CA MET B 405 26.18 6.24 7.36
C MET B 405 26.50 7.35 8.32
N ASP B 406 27.62 8.07 8.15
CA ASP B 406 27.85 9.29 8.95
C ASP B 406 26.81 10.36 8.60
N LYS B 407 26.48 10.52 7.32
CA LYS B 407 25.43 11.49 6.91
C LYS B 407 24.10 11.07 7.47
N ALA B 408 23.81 9.74 7.44
CA ALA B 408 22.54 9.23 7.96
C ALA B 408 22.46 9.59 9.45
N SER B 409 23.56 9.34 10.14
CA SER B 409 23.62 9.50 11.61
C SER B 409 23.42 10.97 11.99
N ALA B 410 24.04 11.90 11.24
CA ALA B 410 23.86 13.33 11.52
C ALA B 410 22.37 13.70 11.44
N ALA B 411 21.74 13.20 10.38
CA ALA B 411 20.31 13.55 10.19
C ALA B 411 19.42 12.93 11.24
N ILE B 412 19.71 11.65 11.58
CA ILE B 412 18.93 10.93 12.60
C ILE B 412 19.07 11.65 13.95
N ASN B 413 20.30 12.01 14.28
CA ASN B 413 20.60 12.60 15.59
C ASN B 413 19.86 13.95 15.65
N GLN B 414 19.80 14.69 14.57
CA GLN B 414 19.02 15.95 14.53
C GLN B 414 17.55 15.66 14.81
N ALA B 415 16.97 14.66 14.17
CA ALA B 415 15.55 14.24 14.31
C ALA B 415 15.26 13.86 15.75
N LEU B 416 16.22 13.23 16.43
CA LEU B 416 16.01 12.71 17.79
C LEU B 416 16.26 13.80 18.85
N ARG B 417 16.67 15.00 18.45
CA ARG B 417 16.83 16.17 19.36
C ARG B 417 15.64 17.11 19.16
#